data_1DQH
# 
_entry.id   1DQH 
# 
_audit_conform.dict_name       mmcif_pdbx.dic 
_audit_conform.dict_version    5.385 
_audit_conform.dict_location   http://mmcif.pdb.org/dictionaries/ascii/mmcif_pdbx.dic 
# 
loop_
_database_2.database_id 
_database_2.database_code 
_database_2.pdbx_database_accession 
_database_2.pdbx_DOI 
PDB   1DQH         pdb_00001dqh 10.2210/pdb1dqh/pdb 
NDB   AR0027       ?            ?                   
RCSB  RCSB010294   ?            ?                   
WWPDB D_1000010294 ?            ?                   
# 
loop_
_pdbx_audit_revision_history.ordinal 
_pdbx_audit_revision_history.data_content_type 
_pdbx_audit_revision_history.major_revision 
_pdbx_audit_revision_history.minor_revision 
_pdbx_audit_revision_history.revision_date 
1 'Structure model' 1 0 2000-11-13 
2 'Structure model' 1 1 2008-04-27 
3 'Structure model' 1 2 2011-07-13 
4 'Structure model' 1 3 2012-07-25 
5 'Structure model' 1 4 2024-02-07 
# 
_pdbx_audit_revision_details.ordinal             1 
_pdbx_audit_revision_details.revision_ordinal    1 
_pdbx_audit_revision_details.data_content_type   'Structure model' 
_pdbx_audit_revision_details.provider            repository 
_pdbx_audit_revision_details.type                'Initial release' 
_pdbx_audit_revision_details.description         ? 
_pdbx_audit_revision_details.details             ? 
# 
loop_
_pdbx_audit_revision_group.ordinal 
_pdbx_audit_revision_group.revision_ordinal 
_pdbx_audit_revision_group.data_content_type 
_pdbx_audit_revision_group.group 
1 2 'Structure model' 'Version format compliance' 
2 3 'Structure model' 'Version format compliance' 
3 4 'Structure model' Other                       
4 5 'Structure model' 'Data collection'           
5 5 'Structure model' 'Database references'       
# 
loop_
_pdbx_audit_revision_category.ordinal 
_pdbx_audit_revision_category.revision_ordinal 
_pdbx_audit_revision_category.data_content_type 
_pdbx_audit_revision_category.category 
1 5 'Structure model' chem_comp_atom 
2 5 'Structure model' chem_comp_bond 
3 5 'Structure model' database_2     
# 
loop_
_pdbx_audit_revision_item.ordinal 
_pdbx_audit_revision_item.revision_ordinal 
_pdbx_audit_revision_item.data_content_type 
_pdbx_audit_revision_item.item 
1 5 'Structure model' '_database_2.pdbx_DOI'                
2 5 'Structure model' '_database_2.pdbx_database_accession' 
# 
_pdbx_database_status.status_code                     REL 
_pdbx_database_status.entry_id                        1DQH 
_pdbx_database_status.recvd_initial_deposition_date   2000-01-04 
_pdbx_database_status.deposit_site                    RCSB 
_pdbx_database_status.process_site                    RCSB 
_pdbx_database_status.status_code_sf                  REL 
_pdbx_database_status.SG_entry                        . 
_pdbx_database_status.status_code_mr                  ? 
_pdbx_database_status.status_code_cs                  ? 
_pdbx_database_status.methods_development_category    ? 
_pdbx_database_status.pdb_format_compatible           Y 
_pdbx_database_status.status_code_nmr_data            ? 
# 
_pdbx_database_related.db_name        PDB 
_pdbx_database_related.db_id          1DQF 
_pdbx_database_related.details        . 
_pdbx_database_related.content_type   unspecified 
# 
loop_
_audit_author.name 
_audit_author.pdbx_ordinal 
'Xiong, Y.'         1 
'Sundaralingam, M.' 2 
# 
_citation.id                        primary 
_citation.title                     'Two crystal forms of helix II of Xenopus laevis 5S rRNA with a cytosine bulge.' 
_citation.journal_abbrev            RNA 
_citation.journal_volume            6 
_citation.page_first                1316 
_citation.page_last                 1324 
_citation.year                      2000 
_citation.journal_id_ASTM           RNARFU 
_citation.country                   UK 
_citation.journal_id_ISSN           1355-8382 
_citation.journal_id_CSD            2122 
_citation.book_publisher            ? 
_citation.pdbx_database_id_PubMed   10999608 
_citation.pdbx_database_id_DOI      10.1017/S135583820000090X 
# 
loop_
_citation_author.citation_id 
_citation_author.name 
_citation_author.ordinal 
_citation_author.identifier_ORCID 
primary 'Xiong, Y.'         1 ? 
primary 'Sundaralingam, M.' 2 ? 
# 
loop_
_entity.id 
_entity.type 
_entity.src_method 
_entity.pdbx_description 
_entity.formula_weight 
_entity.pdbx_number_of_molecules 
_entity.pdbx_ec 
_entity.pdbx_mutation 
_entity.pdbx_fragment 
_entity.details 
1 polymer syn 
;RNA (5'-R(*GP*CP*CP*AP*CP*CP*CP*UP*G)-3')
;
2806.735 1  ? ? 'HELIX II OF 5S RRNA' ? 
2 polymer syn 
;RNA (5'-R(*CP*AP*GP*GP*GP*UP*CP*GP*GP*C)-3')
;
3231.988 1  ? ? ?                     ? 
3 water   nat water                                          18.015   57 ? ? ?                     ? 
# 
loop_
_entity_poly.entity_id 
_entity_poly.type 
_entity_poly.nstd_linkage 
_entity_poly.nstd_monomer 
_entity_poly.pdbx_seq_one_letter_code 
_entity_poly.pdbx_seq_one_letter_code_can 
_entity_poly.pdbx_strand_id 
_entity_poly.pdbx_target_identifier 
1 polyribonucleotide no no GCCACCCUG  GCCACCCUG  A ? 
2 polyribonucleotide no no CAGGGUCGGC CAGGGUCGGC B ? 
# 
_pdbx_entity_nonpoly.entity_id   3 
_pdbx_entity_nonpoly.name        water 
_pdbx_entity_nonpoly.comp_id     HOH 
# 
loop_
_entity_poly_seq.entity_id 
_entity_poly_seq.num 
_entity_poly_seq.mon_id 
_entity_poly_seq.hetero 
1 1  G n 
1 2  C n 
1 3  C n 
1 4  A n 
1 5  C n 
1 6  C n 
1 7  C n 
1 8  U n 
1 9  G n 
2 1  C n 
2 2  A n 
2 3  G n 
2 4  G n 
2 5  G n 
2 6  U n 
2 7  C n 
2 8  G n 
2 9  G n 
2 10 C n 
# 
loop_
_chem_comp.id 
_chem_comp.type 
_chem_comp.mon_nstd_flag 
_chem_comp.name 
_chem_comp.pdbx_synonyms 
_chem_comp.formula 
_chem_comp.formula_weight 
A   'RNA linking' y "ADENOSINE-5'-MONOPHOSPHATE" ? 'C10 H14 N5 O7 P' 347.221 
C   'RNA linking' y "CYTIDINE-5'-MONOPHOSPHATE"  ? 'C9 H14 N3 O8 P'  323.197 
G   'RNA linking' y "GUANOSINE-5'-MONOPHOSPHATE" ? 'C10 H14 N5 O8 P' 363.221 
HOH non-polymer   . WATER                        ? 'H2 O'            18.015  
U   'RNA linking' y "URIDINE-5'-MONOPHOSPHATE"   ? 'C9 H13 N2 O9 P'  324.181 
# 
loop_
_pdbx_poly_seq_scheme.asym_id 
_pdbx_poly_seq_scheme.entity_id 
_pdbx_poly_seq_scheme.seq_id 
_pdbx_poly_seq_scheme.mon_id 
_pdbx_poly_seq_scheme.ndb_seq_num 
_pdbx_poly_seq_scheme.pdb_seq_num 
_pdbx_poly_seq_scheme.auth_seq_num 
_pdbx_poly_seq_scheme.pdb_mon_id 
_pdbx_poly_seq_scheme.auth_mon_id 
_pdbx_poly_seq_scheme.pdb_strand_id 
_pdbx_poly_seq_scheme.pdb_ins_code 
_pdbx_poly_seq_scheme.hetero 
A 1 1  G 1  1  1  G G A . n 
A 1 2  C 2  2  2  C C A . n 
A 1 3  C 3  3  3  C C A . n 
A 1 4  A 4  4  4  A A A . n 
A 1 5  C 5  5  5  C C A . n 
A 1 6  C 6  6  6  C C A . n 
A 1 7  C 7  7  7  C C A . n 
A 1 8  U 8  8  8  U U A . n 
A 1 9  G 9  9  9  G G A . n 
B 2 1  C 1  10 10 C C B . n 
B 2 2  A 2  11 11 A A B . n 
B 2 3  G 3  12 12 G G B . n 
B 2 4  G 4  13 13 G G B . n 
B 2 5  G 5  14 14 G G B . n 
B 2 6  U 6  15 15 U U B . n 
B 2 7  C 7  16 16 C C B . n 
B 2 8  G 8  17 17 G G B . n 
B 2 9  G 9  18 18 G G B . n 
B 2 10 C 10 19 19 C C B . n 
# 
loop_
_pdbx_nonpoly_scheme.asym_id 
_pdbx_nonpoly_scheme.entity_id 
_pdbx_nonpoly_scheme.mon_id 
_pdbx_nonpoly_scheme.ndb_seq_num 
_pdbx_nonpoly_scheme.pdb_seq_num 
_pdbx_nonpoly_scheme.auth_seq_num 
_pdbx_nonpoly_scheme.pdb_mon_id 
_pdbx_nonpoly_scheme.auth_mon_id 
_pdbx_nonpoly_scheme.pdb_strand_id 
_pdbx_nonpoly_scheme.pdb_ins_code 
C 3 HOH 1  103 103 HOH WAT A . 
C 3 HOH 2  107 107 HOH WAT A . 
C 3 HOH 3  108 108 HOH WAT A . 
C 3 HOH 4  124 124 HOH WAT A . 
C 3 HOH 5  126 126 HOH WAT A . 
C 3 HOH 6  127 127 HOH WAT A . 
C 3 HOH 7  131 131 HOH WAT A . 
C 3 HOH 8  132 132 HOH WAT A . 
C 3 HOH 9  133 133 HOH WAT A . 
C 3 HOH 10 135 135 HOH WAT A . 
C 3 HOH 11 140 140 HOH WAT A . 
C 3 HOH 12 141 141 HOH WAT A . 
C 3 HOH 13 142 142 HOH WAT A . 
C 3 HOH 14 145 145 HOH WAT A . 
C 3 HOH 15 151 151 HOH WAT A . 
C 3 HOH 16 153 153 HOH WAT A . 
C 3 HOH 17 155 155 HOH WAT A . 
C 3 HOH 18 156 156 HOH WAT A . 
D 3 HOH 1  100 100 HOH WAT B . 
D 3 HOH 2  101 101 HOH WAT B . 
D 3 HOH 3  102 102 HOH WAT B . 
D 3 HOH 4  104 104 HOH WAT B . 
D 3 HOH 5  105 105 HOH WAT B . 
D 3 HOH 6  106 106 HOH WAT B . 
D 3 HOH 7  109 109 HOH WAT B . 
D 3 HOH 8  110 110 HOH WAT B . 
D 3 HOH 9  111 111 HOH WAT B . 
D 3 HOH 10 112 112 HOH WAT B . 
D 3 HOH 11 113 113 HOH WAT B . 
D 3 HOH 12 114 114 HOH WAT B . 
D 3 HOH 13 115 115 HOH WAT B . 
D 3 HOH 14 116 116 HOH WAT B . 
D 3 HOH 15 117 117 HOH WAT B . 
D 3 HOH 16 118 118 HOH WAT B . 
D 3 HOH 17 119 119 HOH WAT B . 
D 3 HOH 18 120 120 HOH WAT B . 
D 3 HOH 19 121 121 HOH WAT B . 
D 3 HOH 20 122 122 HOH WAT B . 
D 3 HOH 21 123 123 HOH WAT B . 
D 3 HOH 22 125 125 HOH WAT B . 
D 3 HOH 23 128 128 HOH WAT B . 
D 3 HOH 24 129 129 HOH WAT B . 
D 3 HOH 25 130 130 HOH WAT B . 
D 3 HOH 26 134 134 HOH WAT B . 
D 3 HOH 27 136 136 HOH WAT B . 
D 3 HOH 28 137 137 HOH WAT B . 
D 3 HOH 29 138 138 HOH WAT B . 
D 3 HOH 30 139 139 HOH WAT B . 
D 3 HOH 31 143 143 HOH WAT B . 
D 3 HOH 32 144 144 HOH WAT B . 
D 3 HOH 33 146 146 HOH WAT B . 
D 3 HOH 34 147 147 HOH WAT B . 
D 3 HOH 35 148 148 HOH WAT B . 
D 3 HOH 36 149 149 HOH WAT B . 
D 3 HOH 37 150 150 HOH WAT B . 
D 3 HOH 38 152 152 HOH WAT B . 
D 3 HOH 39 154 154 HOH WAT B . 
# 
loop_
_software.name 
_software.classification 
_software.version 
_software.citation_id 
_software.pdbx_ordinal 
AMoRE     phasing          .   ? 1 
CNS       refinement       0.9 ? 2 
DENZO     'data reduction' .   ? 3 
SCALEPACK 'data scaling'   .   ? 4 
# 
_cell.entry_id           1DQH 
_cell.length_a           32.78 
_cell.length_b           32.78 
_cell.length_c           102.5 
_cell.angle_alpha        90.0 
_cell.angle_beta         90.0 
_cell.angle_gamma        90.0 
_cell.Z_PDB              8 
_cell.pdbx_unique_axis   ? 
_cell.length_a_esd       ? 
_cell.length_b_esd       ? 
_cell.length_c_esd       ? 
_cell.angle_alpha_esd    ? 
_cell.angle_beta_esd     ? 
_cell.angle_gamma_esd    ? 
# 
_symmetry.entry_id                         1DQH 
_symmetry.space_group_name_H-M             'P 43 21 2' 
_symmetry.pdbx_full_space_group_name_H-M   ? 
_symmetry.cell_setting                     tetragonal 
_symmetry.Int_Tables_number                96 
_symmetry.space_group_name_Hall            ? 
# 
_exptl.entry_id          1DQH 
_exptl.method            'X-RAY DIFFRACTION' 
_exptl.crystals_number   1 
# 
_exptl_crystal.id                    1 
_exptl_crystal.density_meas          ? 
_exptl_crystal.density_percent_sol   46.05 
_exptl_crystal.density_Matthews      2.28 
_exptl_crystal.description           ? 
_exptl_crystal.F_000                 ? 
_exptl_crystal.preparation           ? 
# 
_exptl_crystal_grow.crystal_id      1 
_exptl_crystal_grow.method          'VAPOR DIFFUSION, HANGING DROP' 
_exptl_crystal_grow.temp            298 
_exptl_crystal_grow.temp_details    ? 
_exptl_crystal_grow.pH              6.0 
_exptl_crystal_grow.pdbx_details    'MGCL2, CACL2, CACODYLATE, MPD, pH 6.0, VAPOR DIFFUSION, HANGING DROP, temperature 298K' 
_exptl_crystal_grow.pdbx_pH_range   ? 
# 
loop_
_exptl_crystal_grow_comp.crystal_id 
_exptl_crystal_grow_comp.id 
_exptl_crystal_grow_comp.sol_id 
_exptl_crystal_grow_comp.name 
_exptl_crystal_grow_comp.volume 
_exptl_crystal_grow_comp.conc 
_exptl_crystal_grow_comp.details 
1 1 1 MGCL2      ? ? ? 
1 2 1 CACL2      ? ? ? 
1 3 1 CACODYLATE ? ? ? 
1 4 1 MPD        ? ? ? 
1 5 2 MPD        ? ? ? 
# 
_diffrn.id                     1 
_diffrn.ambient_temp           263 
_diffrn.ambient_temp_details   ? 
_diffrn.crystal_id             1 
# 
_diffrn_detector.diffrn_id              1 
_diffrn_detector.detector               'IMAGE PLATE' 
_diffrn_detector.type                   'RIGAKU RAXIS IIC' 
_diffrn_detector.pdbx_collection_date   ? 
_diffrn_detector.details                ? 
# 
_diffrn_radiation.diffrn_id                        1 
_diffrn_radiation.wavelength_id                    1 
_diffrn_radiation.pdbx_monochromatic_or_laue_m_l   M 
_diffrn_radiation.monochromator                    ? 
_diffrn_radiation.pdbx_diffrn_protocol             'SINGLE WAVELENGTH' 
_diffrn_radiation.pdbx_scattering_type             x-ray 
# 
_diffrn_radiation_wavelength.id           1 
_diffrn_radiation_wavelength.wavelength   1.5418 
_diffrn_radiation_wavelength.wt           1.0 
# 
_diffrn_source.diffrn_id                   1 
_diffrn_source.source                      'ROTATING ANODE' 
_diffrn_source.type                        'RIGAKU RU300' 
_diffrn_source.pdbx_synchrotron_site       ? 
_diffrn_source.pdbx_synchrotron_beamline   ? 
_diffrn_source.pdbx_wavelength             1.5418 
_diffrn_source.pdbx_wavelength_list        ? 
# 
_reflns.entry_id                     1DQH 
_reflns.observed_criterion_sigma_I   1.0 
_reflns.observed_criterion_sigma_F   2.0 
_reflns.d_resolution_low             22.59 
_reflns.d_resolution_high            1.7 
_reflns.number_obs                   6070 
_reflns.number_all                   6696 
_reflns.percent_possible_obs         90.7 
_reflns.pdbx_Rmerge_I_obs            0.0790000 
_reflns.pdbx_Rsym_value              ? 
_reflns.pdbx_netI_over_sigmaI        20.2 
_reflns.B_iso_Wilson_estimate        ? 
_reflns.pdbx_redundancy              4.9 
_reflns.R_free_details               ? 
_reflns.pdbx_chi_squared             ? 
_reflns.pdbx_scaling_rejects         ? 
_reflns.pdbx_ordinal                 1 
_reflns.pdbx_diffrn_id               1 
# 
_refine.entry_id                                 1DQH 
_refine.ls_number_reflns_obs                     6022 
_refine.ls_number_reflns_all                     6645 
_refine.pdbx_ls_sigma_I                          ? 
_refine.pdbx_ls_sigma_F                          2.0 
_refine.pdbx_data_cutoff_high_absF               ? 
_refine.pdbx_data_cutoff_low_absF                ? 
_refine.pdbx_data_cutoff_high_rms_absF           ? 
_refine.ls_d_res_low                             10.0 
_refine.ls_d_res_high                            1.7 
_refine.ls_percent_reflns_obs                    90.6 
_refine.ls_R_factor_obs                          0.2020000 
_refine.ls_R_factor_all                          ? 
_refine.ls_R_factor_R_work                       0.2020000 
_refine.ls_R_factor_R_free                       0.2430000 
_refine.ls_R_factor_R_free_error                 ? 
_refine.ls_R_factor_R_free_error_details         ? 
_refine.ls_percent_reflns_R_free                 10.8 
_refine.ls_number_reflns_R_free                  653 
_refine.ls_number_parameters                     ? 
_refine.ls_number_restraints                     ? 
_refine.occupancy_min                            ? 
_refine.occupancy_max                            ? 
_refine.B_iso_mean                               ? 
_refine.aniso_B[1][1]                            ? 
_refine.aniso_B[2][2]                            ? 
_refine.aniso_B[3][3]                            ? 
_refine.aniso_B[1][2]                            ? 
_refine.aniso_B[1][3]                            ? 
_refine.aniso_B[2][3]                            ? 
_refine.solvent_model_details                    ? 
_refine.solvent_model_param_ksol                 ? 
_refine.solvent_model_param_bsol                 ? 
_refine.pdbx_ls_cross_valid_method               THROUGHOUT 
_refine.details                                  ? 
_refine.pdbx_starting_model                      ? 
_refine.pdbx_method_to_determine_struct          'MOLECULAR REPLACEMENT' 
_refine.pdbx_isotropic_thermal_model             ? 
_refine.pdbx_stereochemistry_target_values       CNS 
_refine.pdbx_stereochem_target_val_spec_case     ? 
_refine.pdbx_R_Free_selection_details            RANDOM 
_refine.pdbx_overall_ESU_R                       ? 
_refine.pdbx_overall_ESU_R_Free                  ? 
_refine.overall_SU_ML                            ? 
_refine.overall_SU_B                             ? 
_refine.ls_redundancy_reflns_obs                 ? 
_refine.pdbx_refine_id                           'X-RAY DIFFRACTION' 
_refine.pdbx_overall_phase_error                 ? 
_refine.correlation_coeff_Fo_to_Fc               ? 
_refine.correlation_coeff_Fo_to_Fc_free          ? 
_refine.pdbx_solvent_vdw_probe_radii             ? 
_refine.pdbx_solvent_ion_probe_radii             ? 
_refine.pdbx_solvent_shrinkage_radii             ? 
_refine.overall_SU_R_Cruickshank_DPI             ? 
_refine.overall_SU_R_free                        ? 
_refine.ls_wR_factor_R_free                      ? 
_refine.ls_wR_factor_R_work                      ? 
_refine.overall_FOM_free_R_set                   ? 
_refine.overall_FOM_work_R_set                   ? 
_refine.pdbx_diffrn_id                           1 
_refine.pdbx_TLS_residual_ADP_flag               ? 
_refine.pdbx_overall_SU_R_free_Cruickshank_DPI   ? 
_refine.pdbx_overall_SU_R_Blow_DPI               ? 
_refine.pdbx_overall_SU_R_free_Blow_DPI          ? 
# 
_refine_hist.pdbx_refine_id                   'X-RAY DIFFRACTION' 
_refine_hist.cycle_id                         LAST 
_refine_hist.pdbx_number_atoms_protein        0 
_refine_hist.pdbx_number_atoms_nucleic_acid   399 
_refine_hist.pdbx_number_atoms_ligand         0 
_refine_hist.number_atoms_solvent             57 
_refine_hist.number_atoms_total               456 
_refine_hist.d_res_high                       1.7 
_refine_hist.d_res_low                        10.0 
# 
loop_
_refine_ls_restr.type 
_refine_ls_restr.dev_ideal 
_refine_ls_restr.dev_ideal_target 
_refine_ls_restr.weight 
_refine_ls_restr.number 
_refine_ls_restr.pdbx_refine_id 
_refine_ls_restr.pdbx_restraint_function 
c_bond_d                0.008 ? ? ? 'X-RAY DIFFRACTION' ? 
c_bond_d_na             ?     ? ? ? 'X-RAY DIFFRACTION' ? 
c_bond_d_prot           ?     ? ? ? 'X-RAY DIFFRACTION' ? 
c_angle_d               ?     ? ? ? 'X-RAY DIFFRACTION' ? 
c_angle_d_na            ?     ? ? ? 'X-RAY DIFFRACTION' ? 
c_angle_d_prot          ?     ? ? ? 'X-RAY DIFFRACTION' ? 
c_angle_deg             1.26  ? ? ? 'X-RAY DIFFRACTION' ? 
c_angle_deg_na          ?     ? ? ? 'X-RAY DIFFRACTION' ? 
c_angle_deg_prot        ?     ? ? ? 'X-RAY DIFFRACTION' ? 
c_dihedral_angle_d      ?     ? ? ? 'X-RAY DIFFRACTION' ? 
c_dihedral_angle_d_na   ?     ? ? ? 'X-RAY DIFFRACTION' ? 
c_dihedral_angle_d_prot ?     ? ? ? 'X-RAY DIFFRACTION' ? 
c_improper_angle_d      ?     ? ? ? 'X-RAY DIFFRACTION' ? 
c_improper_angle_d_na   ?     ? ? ? 'X-RAY DIFFRACTION' ? 
c_improper_angle_d_prot ?     ? ? ? 'X-RAY DIFFRACTION' ? 
c_mcbond_it             ?     ? ? ? 'X-RAY DIFFRACTION' ? 
c_mcangle_it            ?     ? ? ? 'X-RAY DIFFRACTION' ? 
c_scbond_it             ?     ? ? ? 'X-RAY DIFFRACTION' ? 
c_scangle_it            ?     ? ? ? 'X-RAY DIFFRACTION' ? 
# 
_struct.entry_id                  1DQH 
_struct.title                     
'CRYSTAL STRUCTURE OF HELIX II OF THE X. LAEVIS SOMATIC 5S RRNA WITH A CYTOSINE BULGE IN TWO CONFORMATIONS' 
_struct.pdbx_model_details        ? 
_struct.pdbx_CASP_flag            ? 
_struct.pdbx_model_type_details   ? 
# 
_struct_keywords.entry_id        1DQH 
_struct_keywords.pdbx_keywords   RNA 
_struct_keywords.text            'DOUBLE HELIX, CYTOSINE BULGE, RNA' 
# 
loop_
_struct_asym.id 
_struct_asym.pdbx_blank_PDB_chainid_flag 
_struct_asym.pdbx_modified 
_struct_asym.entity_id 
_struct_asym.details 
A N N 1 ? 
B N N 2 ? 
C N N 3 ? 
D N N 3 ? 
# 
loop_
_struct_ref.id 
_struct_ref.entity_id 
_struct_ref.db_name 
_struct_ref.db_code 
_struct_ref.pdbx_db_accession 
_struct_ref.pdbx_align_begin 
_struct_ref.pdbx_seq_one_letter_code 
_struct_ref.pdbx_db_isoform 
1 1 PDB 1DQH 1DQH ? ? ? 
2 2 PDB 1DQH 1DQH ? ? ? 
# 
loop_
_struct_ref_seq.align_id 
_struct_ref_seq.ref_id 
_struct_ref_seq.pdbx_PDB_id_code 
_struct_ref_seq.pdbx_strand_id 
_struct_ref_seq.seq_align_beg 
_struct_ref_seq.pdbx_seq_align_beg_ins_code 
_struct_ref_seq.seq_align_end 
_struct_ref_seq.pdbx_seq_align_end_ins_code 
_struct_ref_seq.pdbx_db_accession 
_struct_ref_seq.db_align_beg 
_struct_ref_seq.pdbx_db_align_beg_ins_code 
_struct_ref_seq.db_align_end 
_struct_ref_seq.pdbx_db_align_end_ins_code 
_struct_ref_seq.pdbx_auth_seq_align_beg 
_struct_ref_seq.pdbx_auth_seq_align_end 
1 1 1DQH A 1 ? 9  ? 1DQH 1  ? 9  ? 1  9  
2 2 1DQH B 1 ? 10 ? 1DQH 10 ? 19 ? 10 19 
# 
_pdbx_struct_assembly.id                   1 
_pdbx_struct_assembly.details              author_defined_assembly 
_pdbx_struct_assembly.method_details       ? 
_pdbx_struct_assembly.oligomeric_details   dimeric 
_pdbx_struct_assembly.oligomeric_count     2 
# 
_pdbx_struct_assembly_gen.assembly_id       1 
_pdbx_struct_assembly_gen.oper_expression   1 
_pdbx_struct_assembly_gen.asym_id_list      A,B,C,D 
# 
_pdbx_struct_oper_list.id                   1 
_pdbx_struct_oper_list.type                 'identity operation' 
_pdbx_struct_oper_list.name                 1_555 
_pdbx_struct_oper_list.symmetry_operation   x,y,z 
_pdbx_struct_oper_list.matrix[1][1]         1.0000000000 
_pdbx_struct_oper_list.matrix[1][2]         0.0000000000 
_pdbx_struct_oper_list.matrix[1][3]         0.0000000000 
_pdbx_struct_oper_list.vector[1]            0.0000000000 
_pdbx_struct_oper_list.matrix[2][1]         0.0000000000 
_pdbx_struct_oper_list.matrix[2][2]         1.0000000000 
_pdbx_struct_oper_list.matrix[2][3]         0.0000000000 
_pdbx_struct_oper_list.vector[2]            0.0000000000 
_pdbx_struct_oper_list.matrix[3][1]         0.0000000000 
_pdbx_struct_oper_list.matrix[3][2]         0.0000000000 
_pdbx_struct_oper_list.matrix[3][3]         1.0000000000 
_pdbx_struct_oper_list.vector[3]            0.0000000000 
# 
_struct_biol.id                    1 
_struct_biol.pdbx_parent_biol_id   ? 
_struct_biol.details               ? 
# 
loop_
_struct_conn.id 
_struct_conn.conn_type_id 
_struct_conn.pdbx_leaving_atom_flag 
_struct_conn.pdbx_PDB_id 
_struct_conn.ptnr1_label_asym_id 
_struct_conn.ptnr1_label_comp_id 
_struct_conn.ptnr1_label_seq_id 
_struct_conn.ptnr1_label_atom_id 
_struct_conn.pdbx_ptnr1_label_alt_id 
_struct_conn.pdbx_ptnr1_PDB_ins_code 
_struct_conn.pdbx_ptnr1_standard_comp_id 
_struct_conn.ptnr1_symmetry 
_struct_conn.ptnr2_label_asym_id 
_struct_conn.ptnr2_label_comp_id 
_struct_conn.ptnr2_label_seq_id 
_struct_conn.ptnr2_label_atom_id 
_struct_conn.pdbx_ptnr2_label_alt_id 
_struct_conn.pdbx_ptnr2_PDB_ins_code 
_struct_conn.ptnr1_auth_asym_id 
_struct_conn.ptnr1_auth_comp_id 
_struct_conn.ptnr1_auth_seq_id 
_struct_conn.ptnr2_auth_asym_id 
_struct_conn.ptnr2_auth_comp_id 
_struct_conn.ptnr2_auth_seq_id 
_struct_conn.ptnr2_symmetry 
_struct_conn.pdbx_ptnr3_label_atom_id 
_struct_conn.pdbx_ptnr3_label_seq_id 
_struct_conn.pdbx_ptnr3_label_comp_id 
_struct_conn.pdbx_ptnr3_label_asym_id 
_struct_conn.pdbx_ptnr3_label_alt_id 
_struct_conn.pdbx_ptnr3_PDB_ins_code 
_struct_conn.details 
_struct_conn.pdbx_dist_value 
_struct_conn.pdbx_value_order 
_struct_conn.pdbx_role 
hydrog1  hydrog ? ? A G 1 N1 ? ? ? 1_555 B C 10 N3 ? ? A G 1 B C 19 1_555 ? ? ? ? ? ? WATSON-CRICK ? ? ? 
hydrog2  hydrog ? ? A G 1 N2 ? ? ? 1_555 B C 10 O2 ? ? A G 1 B C 19 1_555 ? ? ? ? ? ? WATSON-CRICK ? ? ? 
hydrog3  hydrog ? ? A G 1 O6 ? ? ? 1_555 B C 10 N4 ? ? A G 1 B C 19 1_555 ? ? ? ? ? ? WATSON-CRICK ? ? ? 
hydrog4  hydrog ? ? A C 2 N3 ? ? ? 1_555 B G 9  N1 ? ? A C 2 B G 18 1_555 ? ? ? ? ? ? WATSON-CRICK ? ? ? 
hydrog5  hydrog ? ? A C 2 N4 ? ? ? 1_555 B G 9  O6 ? ? A C 2 B G 18 1_555 ? ? ? ? ? ? WATSON-CRICK ? ? ? 
hydrog6  hydrog ? ? A C 2 O2 ? ? ? 1_555 B G 9  N2 ? ? A C 2 B G 18 1_555 ? ? ? ? ? ? WATSON-CRICK ? ? ? 
hydrog7  hydrog ? ? A C 3 N3 ? ? ? 1_555 B G 8  N1 ? ? A C 3 B G 17 1_555 ? ? ? ? ? ? WATSON-CRICK ? ? ? 
hydrog8  hydrog ? ? A C 3 N4 ? ? ? 1_555 B G 8  O6 ? ? A C 3 B G 17 1_555 ? ? ? ? ? ? WATSON-CRICK ? ? ? 
hydrog9  hydrog ? ? A C 3 O2 ? ? ? 1_555 B G 8  N2 ? ? A C 3 B G 17 1_555 ? ? ? ? ? ? WATSON-CRICK ? ? ? 
hydrog10 hydrog ? ? A A 4 N1 ? ? ? 1_555 B U 6  N3 ? ? A A 4 B U 15 1_555 ? ? ? ? ? ? WATSON-CRICK ? ? ? 
hydrog11 hydrog ? ? A A 4 N6 ? ? ? 1_555 B U 6  O4 ? ? A A 4 B U 15 1_555 ? ? ? ? ? ? WATSON-CRICK ? ? ? 
hydrog12 hydrog ? ? A C 5 N3 ? ? ? 1_555 B G 5  N1 ? ? A C 5 B G 14 1_555 ? ? ? ? ? ? WATSON-CRICK ? ? ? 
hydrog13 hydrog ? ? A C 5 N4 ? ? ? 1_555 B G 5  O6 ? ? A C 5 B G 14 1_555 ? ? ? ? ? ? WATSON-CRICK ? ? ? 
hydrog14 hydrog ? ? A C 5 O2 ? ? ? 1_555 B G 5  N2 ? ? A C 5 B G 14 1_555 ? ? ? ? ? ? WATSON-CRICK ? ? ? 
hydrog15 hydrog ? ? A C 6 N3 ? ? ? 1_555 B G 4  N1 ? ? A C 6 B G 13 1_555 ? ? ? ? ? ? WATSON-CRICK ? ? ? 
hydrog16 hydrog ? ? A C 6 N4 ? ? ? 1_555 B G 4  O6 ? ? A C 6 B G 13 1_555 ? ? ? ? ? ? WATSON-CRICK ? ? ? 
hydrog17 hydrog ? ? A C 6 O2 ? ? ? 1_555 B G 4  N2 ? ? A C 6 B G 13 1_555 ? ? ? ? ? ? WATSON-CRICK ? ? ? 
hydrog18 hydrog ? ? A C 7 N3 ? ? ? 1_555 B G 3  N1 ? ? A C 7 B G 12 1_555 ? ? ? ? ? ? WATSON-CRICK ? ? ? 
hydrog19 hydrog ? ? A C 7 N4 ? ? ? 1_555 B G 3  O6 ? ? A C 7 B G 12 1_555 ? ? ? ? ? ? WATSON-CRICK ? ? ? 
hydrog20 hydrog ? ? A C 7 O2 ? ? ? 1_555 B G 3  N2 ? ? A C 7 B G 12 1_555 ? ? ? ? ? ? WATSON-CRICK ? ? ? 
hydrog21 hydrog ? ? A U 8 N3 ? ? ? 1_555 B A 2  N1 ? ? A U 8 B A 11 1_555 ? ? ? ? ? ? WATSON-CRICK ? ? ? 
hydrog22 hydrog ? ? A U 8 O4 ? ? ? 1_555 B A 2  N6 ? ? A U 8 B A 11 1_555 ? ? ? ? ? ? WATSON-CRICK ? ? ? 
hydrog23 hydrog ? ? A G 9 N1 ? ? ? 1_555 B C 1  N3 ? ? A G 9 B C 10 1_555 ? ? ? ? ? ? WATSON-CRICK ? ? ? 
hydrog24 hydrog ? ? A G 9 N2 ? ? ? 1_555 B C 1  O2 ? ? A G 9 B C 10 1_555 ? ? ? ? ? ? WATSON-CRICK ? ? ? 
hydrog25 hydrog ? ? A G 9 O6 ? ? ? 1_555 B C 1  N4 ? ? A G 9 B C 10 1_555 ? ? ? ? ? ? WATSON-CRICK ? ? ? 
# 
_struct_conn_type.id          hydrog 
_struct_conn_type.criteria    ? 
_struct_conn_type.reference   ? 
# 
loop_
_chem_comp_atom.comp_id 
_chem_comp_atom.atom_id 
_chem_comp_atom.type_symbol 
_chem_comp_atom.pdbx_aromatic_flag 
_chem_comp_atom.pdbx_stereo_config 
_chem_comp_atom.pdbx_ordinal 
A   OP3    O N N 1   
A   P      P N N 2   
A   OP1    O N N 3   
A   OP2    O N N 4   
A   "O5'"  O N N 5   
A   "C5'"  C N N 6   
A   "C4'"  C N R 7   
A   "O4'"  O N N 8   
A   "C3'"  C N S 9   
A   "O3'"  O N N 10  
A   "C2'"  C N R 11  
A   "O2'"  O N N 12  
A   "C1'"  C N R 13  
A   N9     N Y N 14  
A   C8     C Y N 15  
A   N7     N Y N 16  
A   C5     C Y N 17  
A   C6     C Y N 18  
A   N6     N N N 19  
A   N1     N Y N 20  
A   C2     C Y N 21  
A   N3     N Y N 22  
A   C4     C Y N 23  
A   HOP3   H N N 24  
A   HOP2   H N N 25  
A   "H5'"  H N N 26  
A   "H5''" H N N 27  
A   "H4'"  H N N 28  
A   "H3'"  H N N 29  
A   "HO3'" H N N 30  
A   "H2'"  H N N 31  
A   "HO2'" H N N 32  
A   "H1'"  H N N 33  
A   H8     H N N 34  
A   H61    H N N 35  
A   H62    H N N 36  
A   H2     H N N 37  
C   OP3    O N N 38  
C   P      P N N 39  
C   OP1    O N N 40  
C   OP2    O N N 41  
C   "O5'"  O N N 42  
C   "C5'"  C N N 43  
C   "C4'"  C N R 44  
C   "O4'"  O N N 45  
C   "C3'"  C N S 46  
C   "O3'"  O N N 47  
C   "C2'"  C N R 48  
C   "O2'"  O N N 49  
C   "C1'"  C N R 50  
C   N1     N N N 51  
C   C2     C N N 52  
C   O2     O N N 53  
C   N3     N N N 54  
C   C4     C N N 55  
C   N4     N N N 56  
C   C5     C N N 57  
C   C6     C N N 58  
C   HOP3   H N N 59  
C   HOP2   H N N 60  
C   "H5'"  H N N 61  
C   "H5''" H N N 62  
C   "H4'"  H N N 63  
C   "H3'"  H N N 64  
C   "HO3'" H N N 65  
C   "H2'"  H N N 66  
C   "HO2'" H N N 67  
C   "H1'"  H N N 68  
C   H41    H N N 69  
C   H42    H N N 70  
C   H5     H N N 71  
C   H6     H N N 72  
G   OP3    O N N 73  
G   P      P N N 74  
G   OP1    O N N 75  
G   OP2    O N N 76  
G   "O5'"  O N N 77  
G   "C5'"  C N N 78  
G   "C4'"  C N R 79  
G   "O4'"  O N N 80  
G   "C3'"  C N S 81  
G   "O3'"  O N N 82  
G   "C2'"  C N R 83  
G   "O2'"  O N N 84  
G   "C1'"  C N R 85  
G   N9     N Y N 86  
G   C8     C Y N 87  
G   N7     N Y N 88  
G   C5     C Y N 89  
G   C6     C N N 90  
G   O6     O N N 91  
G   N1     N N N 92  
G   C2     C N N 93  
G   N2     N N N 94  
G   N3     N N N 95  
G   C4     C Y N 96  
G   HOP3   H N N 97  
G   HOP2   H N N 98  
G   "H5'"  H N N 99  
G   "H5''" H N N 100 
G   "H4'"  H N N 101 
G   "H3'"  H N N 102 
G   "HO3'" H N N 103 
G   "H2'"  H N N 104 
G   "HO2'" H N N 105 
G   "H1'"  H N N 106 
G   H8     H N N 107 
G   H1     H N N 108 
G   H21    H N N 109 
G   H22    H N N 110 
HOH O      O N N 111 
HOH H1     H N N 112 
HOH H2     H N N 113 
U   OP3    O N N 114 
U   P      P N N 115 
U   OP1    O N N 116 
U   OP2    O N N 117 
U   "O5'"  O N N 118 
U   "C5'"  C N N 119 
U   "C4'"  C N R 120 
U   "O4'"  O N N 121 
U   "C3'"  C N S 122 
U   "O3'"  O N N 123 
U   "C2'"  C N R 124 
U   "O2'"  O N N 125 
U   "C1'"  C N R 126 
U   N1     N N N 127 
U   C2     C N N 128 
U   O2     O N N 129 
U   N3     N N N 130 
U   C4     C N N 131 
U   O4     O N N 132 
U   C5     C N N 133 
U   C6     C N N 134 
U   HOP3   H N N 135 
U   HOP2   H N N 136 
U   "H5'"  H N N 137 
U   "H5''" H N N 138 
U   "H4'"  H N N 139 
U   "H3'"  H N N 140 
U   "HO3'" H N N 141 
U   "H2'"  H N N 142 
U   "HO2'" H N N 143 
U   "H1'"  H N N 144 
U   H3     H N N 145 
U   H5     H N N 146 
U   H6     H N N 147 
# 
loop_
_chem_comp_bond.comp_id 
_chem_comp_bond.atom_id_1 
_chem_comp_bond.atom_id_2 
_chem_comp_bond.value_order 
_chem_comp_bond.pdbx_aromatic_flag 
_chem_comp_bond.pdbx_stereo_config 
_chem_comp_bond.pdbx_ordinal 
A   OP3   P      sing N N 1   
A   OP3   HOP3   sing N N 2   
A   P     OP1    doub N N 3   
A   P     OP2    sing N N 4   
A   P     "O5'"  sing N N 5   
A   OP2   HOP2   sing N N 6   
A   "O5'" "C5'"  sing N N 7   
A   "C5'" "C4'"  sing N N 8   
A   "C5'" "H5'"  sing N N 9   
A   "C5'" "H5''" sing N N 10  
A   "C4'" "O4'"  sing N N 11  
A   "C4'" "C3'"  sing N N 12  
A   "C4'" "H4'"  sing N N 13  
A   "O4'" "C1'"  sing N N 14  
A   "C3'" "O3'"  sing N N 15  
A   "C3'" "C2'"  sing N N 16  
A   "C3'" "H3'"  sing N N 17  
A   "O3'" "HO3'" sing N N 18  
A   "C2'" "O2'"  sing N N 19  
A   "C2'" "C1'"  sing N N 20  
A   "C2'" "H2'"  sing N N 21  
A   "O2'" "HO2'" sing N N 22  
A   "C1'" N9     sing N N 23  
A   "C1'" "H1'"  sing N N 24  
A   N9    C8     sing Y N 25  
A   N9    C4     sing Y N 26  
A   C8    N7     doub Y N 27  
A   C8    H8     sing N N 28  
A   N7    C5     sing Y N 29  
A   C5    C6     sing Y N 30  
A   C5    C4     doub Y N 31  
A   C6    N6     sing N N 32  
A   C6    N1     doub Y N 33  
A   N6    H61    sing N N 34  
A   N6    H62    sing N N 35  
A   N1    C2     sing Y N 36  
A   C2    N3     doub Y N 37  
A   C2    H2     sing N N 38  
A   N3    C4     sing Y N 39  
C   OP3   P      sing N N 40  
C   OP3   HOP3   sing N N 41  
C   P     OP1    doub N N 42  
C   P     OP2    sing N N 43  
C   P     "O5'"  sing N N 44  
C   OP2   HOP2   sing N N 45  
C   "O5'" "C5'"  sing N N 46  
C   "C5'" "C4'"  sing N N 47  
C   "C5'" "H5'"  sing N N 48  
C   "C5'" "H5''" sing N N 49  
C   "C4'" "O4'"  sing N N 50  
C   "C4'" "C3'"  sing N N 51  
C   "C4'" "H4'"  sing N N 52  
C   "O4'" "C1'"  sing N N 53  
C   "C3'" "O3'"  sing N N 54  
C   "C3'" "C2'"  sing N N 55  
C   "C3'" "H3'"  sing N N 56  
C   "O3'" "HO3'" sing N N 57  
C   "C2'" "O2'"  sing N N 58  
C   "C2'" "C1'"  sing N N 59  
C   "C2'" "H2'"  sing N N 60  
C   "O2'" "HO2'" sing N N 61  
C   "C1'" N1     sing N N 62  
C   "C1'" "H1'"  sing N N 63  
C   N1    C2     sing N N 64  
C   N1    C6     sing N N 65  
C   C2    O2     doub N N 66  
C   C2    N3     sing N N 67  
C   N3    C4     doub N N 68  
C   C4    N4     sing N N 69  
C   C4    C5     sing N N 70  
C   N4    H41    sing N N 71  
C   N4    H42    sing N N 72  
C   C5    C6     doub N N 73  
C   C5    H5     sing N N 74  
C   C6    H6     sing N N 75  
G   OP3   P      sing N N 76  
G   OP3   HOP3   sing N N 77  
G   P     OP1    doub N N 78  
G   P     OP2    sing N N 79  
G   P     "O5'"  sing N N 80  
G   OP2   HOP2   sing N N 81  
G   "O5'" "C5'"  sing N N 82  
G   "C5'" "C4'"  sing N N 83  
G   "C5'" "H5'"  sing N N 84  
G   "C5'" "H5''" sing N N 85  
G   "C4'" "O4'"  sing N N 86  
G   "C4'" "C3'"  sing N N 87  
G   "C4'" "H4'"  sing N N 88  
G   "O4'" "C1'"  sing N N 89  
G   "C3'" "O3'"  sing N N 90  
G   "C3'" "C2'"  sing N N 91  
G   "C3'" "H3'"  sing N N 92  
G   "O3'" "HO3'" sing N N 93  
G   "C2'" "O2'"  sing N N 94  
G   "C2'" "C1'"  sing N N 95  
G   "C2'" "H2'"  sing N N 96  
G   "O2'" "HO2'" sing N N 97  
G   "C1'" N9     sing N N 98  
G   "C1'" "H1'"  sing N N 99  
G   N9    C8     sing Y N 100 
G   N9    C4     sing Y N 101 
G   C8    N7     doub Y N 102 
G   C8    H8     sing N N 103 
G   N7    C5     sing Y N 104 
G   C5    C6     sing N N 105 
G   C5    C4     doub Y N 106 
G   C6    O6     doub N N 107 
G   C6    N1     sing N N 108 
G   N1    C2     sing N N 109 
G   N1    H1     sing N N 110 
G   C2    N2     sing N N 111 
G   C2    N3     doub N N 112 
G   N2    H21    sing N N 113 
G   N2    H22    sing N N 114 
G   N3    C4     sing N N 115 
HOH O     H1     sing N N 116 
HOH O     H2     sing N N 117 
U   OP3   P      sing N N 118 
U   OP3   HOP3   sing N N 119 
U   P     OP1    doub N N 120 
U   P     OP2    sing N N 121 
U   P     "O5'"  sing N N 122 
U   OP2   HOP2   sing N N 123 
U   "O5'" "C5'"  sing N N 124 
U   "C5'" "C4'"  sing N N 125 
U   "C5'" "H5'"  sing N N 126 
U   "C5'" "H5''" sing N N 127 
U   "C4'" "O4'"  sing N N 128 
U   "C4'" "C3'"  sing N N 129 
U   "C4'" "H4'"  sing N N 130 
U   "O4'" "C1'"  sing N N 131 
U   "C3'" "O3'"  sing N N 132 
U   "C3'" "C2'"  sing N N 133 
U   "C3'" "H3'"  sing N N 134 
U   "O3'" "HO3'" sing N N 135 
U   "C2'" "O2'"  sing N N 136 
U   "C2'" "C1'"  sing N N 137 
U   "C2'" "H2'"  sing N N 138 
U   "O2'" "HO2'" sing N N 139 
U   "C1'" N1     sing N N 140 
U   "C1'" "H1'"  sing N N 141 
U   N1    C2     sing N N 142 
U   N1    C6     sing N N 143 
U   C2    O2     doub N N 144 
U   C2    N3     sing N N 145 
U   N3    C4     sing N N 146 
U   N3    H3     sing N N 147 
U   C4    O4     doub N N 148 
U   C4    C5     sing N N 149 
U   C5    C6     doub N N 150 
U   C5    H5     sing N N 151 
U   C6    H6     sing N N 152 
# 
loop_
_ndb_struct_conf_na.entry_id 
_ndb_struct_conf_na.feature 
1DQH 'a-form double helix' 
1DQH 'bulge loop'          
# 
loop_
_ndb_struct_na_base_pair.model_number 
_ndb_struct_na_base_pair.i_label_asym_id 
_ndb_struct_na_base_pair.i_label_comp_id 
_ndb_struct_na_base_pair.i_label_seq_id 
_ndb_struct_na_base_pair.i_symmetry 
_ndb_struct_na_base_pair.j_label_asym_id 
_ndb_struct_na_base_pair.j_label_comp_id 
_ndb_struct_na_base_pair.j_label_seq_id 
_ndb_struct_na_base_pair.j_symmetry 
_ndb_struct_na_base_pair.shear 
_ndb_struct_na_base_pair.stretch 
_ndb_struct_na_base_pair.stagger 
_ndb_struct_na_base_pair.buckle 
_ndb_struct_na_base_pair.propeller 
_ndb_struct_na_base_pair.opening 
_ndb_struct_na_base_pair.pair_number 
_ndb_struct_na_base_pair.pair_name 
_ndb_struct_na_base_pair.i_auth_asym_id 
_ndb_struct_na_base_pair.i_auth_seq_id 
_ndb_struct_na_base_pair.i_PDB_ins_code 
_ndb_struct_na_base_pair.j_auth_asym_id 
_ndb_struct_na_base_pair.j_auth_seq_id 
_ndb_struct_na_base_pair.j_PDB_ins_code 
_ndb_struct_na_base_pair.hbond_type_28 
_ndb_struct_na_base_pair.hbond_type_12 
1 A G 1 1_555 B C 10 1_555 -0.273 -0.127 0.185  -1.806 -9.823  0.072  1 A_G1:C19_B A 1 ? B 19 ? 19 1 
1 A C 2 1_555 B G 9  1_555 0.304  -0.226 0.239  0.018  -14.895 -1.095 2 A_C2:G18_B A 2 ? B 18 ? 19 1 
1 A C 3 1_555 B G 8  1_555 0.067  -0.128 0.300  -1.435 -11.965 -2.191 3 A_C3:G17_B A 3 ? B 17 ? 19 1 
1 A A 4 1_555 B U 6  1_555 -0.117 -0.114 0.271  10.217 -5.123  1.003  4 A_A4:U15_B A 4 ? B 15 ? 20 1 
1 A C 5 1_555 B G 5  1_555 0.423  -0.116 -0.070 13.201 -10.938 -2.123 5 A_C5:G14_B A 5 ? B 14 ? 19 1 
1 A C 6 1_555 B G 4  1_555 0.185  -0.236 0.005  7.330  -16.022 -0.668 6 A_C6:G13_B A 6 ? B 13 ? 19 1 
1 A C 7 1_555 B G 3  1_555 0.233  -0.185 0.004  1.426  -10.165 -0.584 7 A_C7:G12_B A 7 ? B 12 ? 19 1 
1 A U 8 1_555 B A 2  1_555 0.097  -0.159 0.046  0.191  -14.295 6.545  8 A_U8:A11_B A 8 ? B 11 ? 20 1 
1 A G 9 1_555 B C 1  1_555 -0.103 -0.142 0.055  -5.036 -10.958 0.161  9 A_G9:C10_B A 9 ? B 10 ? 19 1 
# 
loop_
_ndb_struct_na_base_pair_step.model_number 
_ndb_struct_na_base_pair_step.i_label_asym_id_1 
_ndb_struct_na_base_pair_step.i_label_comp_id_1 
_ndb_struct_na_base_pair_step.i_label_seq_id_1 
_ndb_struct_na_base_pair_step.i_symmetry_1 
_ndb_struct_na_base_pair_step.j_label_asym_id_1 
_ndb_struct_na_base_pair_step.j_label_comp_id_1 
_ndb_struct_na_base_pair_step.j_label_seq_id_1 
_ndb_struct_na_base_pair_step.j_symmetry_1 
_ndb_struct_na_base_pair_step.i_label_asym_id_2 
_ndb_struct_na_base_pair_step.i_label_comp_id_2 
_ndb_struct_na_base_pair_step.i_label_seq_id_2 
_ndb_struct_na_base_pair_step.i_symmetry_2 
_ndb_struct_na_base_pair_step.j_label_asym_id_2 
_ndb_struct_na_base_pair_step.j_label_comp_id_2 
_ndb_struct_na_base_pair_step.j_label_seq_id_2 
_ndb_struct_na_base_pair_step.j_symmetry_2 
_ndb_struct_na_base_pair_step.shift 
_ndb_struct_na_base_pair_step.slide 
_ndb_struct_na_base_pair_step.rise 
_ndb_struct_na_base_pair_step.tilt 
_ndb_struct_na_base_pair_step.roll 
_ndb_struct_na_base_pair_step.twist 
_ndb_struct_na_base_pair_step.x_displacement 
_ndb_struct_na_base_pair_step.y_displacement 
_ndb_struct_na_base_pair_step.helical_rise 
_ndb_struct_na_base_pair_step.inclination 
_ndb_struct_na_base_pair_step.tip 
_ndb_struct_na_base_pair_step.helical_twist 
_ndb_struct_na_base_pair_step.step_number 
_ndb_struct_na_base_pair_step.step_name 
_ndb_struct_na_base_pair_step.i_auth_asym_id_1 
_ndb_struct_na_base_pair_step.i_auth_seq_id_1 
_ndb_struct_na_base_pair_step.i_PDB_ins_code_1 
_ndb_struct_na_base_pair_step.j_auth_asym_id_1 
_ndb_struct_na_base_pair_step.j_auth_seq_id_1 
_ndb_struct_na_base_pair_step.j_PDB_ins_code_1 
_ndb_struct_na_base_pair_step.i_auth_asym_id_2 
_ndb_struct_na_base_pair_step.i_auth_seq_id_2 
_ndb_struct_na_base_pair_step.i_PDB_ins_code_2 
_ndb_struct_na_base_pair_step.j_auth_asym_id_2 
_ndb_struct_na_base_pair_step.j_auth_seq_id_2 
_ndb_struct_na_base_pair_step.j_PDB_ins_code_2 
1 A G 1 1_555 B C 10 1_555 A C 2 1_555 B G 9 1_555 -0.716 -1.323 3.227 -2.385 5.499  38.289 -2.645 0.798  3.052 8.322  3.610  
38.738 1 AA_G1C2:G18C19_BB A 1 ? B 19 ? A 2 ? B 18 ? 
1 A C 2 1_555 B G 9  1_555 A C 3 1_555 B G 8 1_555 0.346  -0.983 3.229 0.791  6.378  34.897 -2.514 -0.456 3.015 10.524 -1.305 
35.465 2 AA_C2C3:G17G18_BB A 2 ? B 18 ? A 3 ? B 17 ? 
1 A C 3 1_555 B G 8  1_555 A A 4 1_555 B U 6 1_555 0.528  -1.255 3.047 -1.698 1.251  33.798 -2.341 -1.158 2.971 2.149  2.917  
33.862 3 AA_C3A4:U15G17_BB A 3 ? B 17 ? A 4 ? B 15 ? 
1 A A 4 1_555 B U 6  1_555 A C 5 1_555 B G 5 1_555 -0.402 -1.467 3.351 0.205  4.728  32.860 -3.355 0.737  3.113 8.305  -0.360 
33.190 4 AA_A4C5:G14U15_BB A 4 ? B 15 ? A 5 ? B 14 ? 
1 A C 5 1_555 B G 5  1_555 A C 6 1_555 B G 4 1_555 0.621  -1.720 3.397 0.820  7.078  33.574 -4.015 -0.925 2.997 12.084 -1.400 
34.300 5 AA_C5C6:G13G14_BB A 5 ? B 14 ? A 6 ? B 13 ? 
1 A C 6 1_555 B G 4  1_555 A C 7 1_555 B G 3 1_555 -0.412 -2.075 3.432 -1.398 8.219  29.540 -5.492 0.512  2.783 15.728 2.675  
30.669 6 AA_C6C7:G12G13_BB A 6 ? B 13 ? A 7 ? B 12 ? 
1 A C 7 1_555 B G 3  1_555 A U 8 1_555 B A 2 1_555 0.731  -1.495 3.219 2.268  9.066  31.521 -4.090 -0.932 2.740 16.247 -4.064 
32.844 7 AA_C7U8:A11G12_BB A 7 ? B 12 ? A 8 ? B 11 ? 
1 A U 8 1_555 B A 2  1_555 A G 9 1_555 B C 1 1_555 -0.071 -1.555 3.293 0.417  12.172 31.800 -4.456 0.183  2.543 21.264 -0.728 
33.996 8 AA_U8G9:C10A11_BB A 8 ? B 11 ? A 9 ? B 10 ? 
# 
_atom_sites.entry_id                    1DQH 
_atom_sites.fract_transf_matrix[1][1]   0.00447269 
_atom_sites.fract_transf_matrix[1][2]   0.02925062 
_atom_sites.fract_transf_matrix[1][3]   0.00741703 
_atom_sites.fract_transf_matrix[2][1]   -0.00611637 
_atom_sites.fract_transf_matrix[2][2]   -0.00646368 
_atom_sites.fract_transf_matrix[2][3]   0.02917922 
_atom_sites.fract_transf_matrix[3][1]   0.00945026 
_atom_sites.fract_transf_matrix[3][2]   -0.00184376 
_atom_sites.fract_transf_matrix[3][3]   0.00157248 
_atom_sites.fract_transf_vector[1]      0.960258 
_atom_sites.fract_transf_vector[2]      0.564896 
_atom_sites.fract_transf_vector[3]      0.307930 
# 
loop_
_atom_type.symbol 
C 
N 
O 
P 
# 
loop_
_atom_site.group_PDB 
_atom_site.id 
_atom_site.type_symbol 
_atom_site.label_atom_id 
_atom_site.label_alt_id 
_atom_site.label_comp_id 
_atom_site.label_asym_id 
_atom_site.label_entity_id 
_atom_site.label_seq_id 
_atom_site.pdbx_PDB_ins_code 
_atom_site.Cartn_x 
_atom_site.Cartn_y 
_atom_site.Cartn_z 
_atom_site.occupancy 
_atom_site.B_iso_or_equiv 
_atom_site.pdbx_formal_charge 
_atom_site.auth_seq_id 
_atom_site.auth_comp_id 
_atom_site.auth_asym_id 
_atom_site.auth_atom_id 
_atom_site.pdbx_PDB_model_num 
ATOM   1   O "O5'" . G   A 1 1  ? 9.446   6.452   -1.799  1.00 37.41 ? 1   G   A "O5'" 1 
ATOM   2   C "C5'" . G   A 1 1  ? 9.947   7.508   -2.628  1.00 34.43 ? 1   G   A "C5'" 1 
ATOM   3   C "C4'" . G   A 1 1  ? 10.450  6.988   -3.948  1.00 33.33 ? 1   G   A "C4'" 1 
ATOM   4   O "O4'" . G   A 1 1  ? 11.590  6.108   -3.720  1.00 33.01 ? 1   G   A "O4'" 1 
ATOM   5   C "C3'" . G   A 1 1  ? 9.460   6.156   -4.743  1.00 33.57 ? 1   G   A "C3'" 1 
ATOM   6   O "O3'" . G   A 1 1  ? 8.670   7.004   -5.570  1.00 34.48 ? 1   G   A "O3'" 1 
ATOM   7   C "C2'" . G   A 1 1  ? 10.383  5.303   -5.604  1.00 32.60 ? 1   G   A "C2'" 1 
ATOM   8   O "O2'" . G   A 1 1  ? 10.834  5.980   -6.767  1.00 31.59 ? 1   G   A "O2'" 1 
ATOM   9   C "C1'" . G   A 1 1  ? 11.547  5.037   -4.644  1.00 31.18 ? 1   G   A "C1'" 1 
ATOM   10  N N9    . G   A 1 1  ? 11.451  3.805   -3.875  1.00 29.41 ? 1   G   A N9    1 
ATOM   11  C C8    . G   A 1 1  ? 11.388  3.702   -2.510  1.00 28.46 ? 1   G   A C8    1 
ATOM   12  N N7    . G   A 1 1  ? 11.320  2.469   -2.091  1.00 28.77 ? 1   G   A N7    1 
ATOM   13  C C5    . G   A 1 1  ? 11.349  1.704   -3.247  1.00 28.42 ? 1   G   A C5    1 
ATOM   14  C C6    . G   A 1 1  ? 11.326  0.290   -3.416  1.00 28.30 ? 1   G   A C6    1 
ATOM   15  O O6    . G   A 1 1  ? 11.281  -0.582  -2.547  1.00 27.86 ? 1   G   A O6    1 
ATOM   16  N N1    . G   A 1 1  ? 11.366  -0.068  -4.761  1.00 27.81 ? 1   G   A N1    1 
ATOM   17  C C2    . G   A 1 1  ? 11.421  0.827   -5.809  1.00 27.95 ? 1   G   A C2    1 
ATOM   18  N N2    . G   A 1 1  ? 11.413  0.305   -7.043  1.00 27.06 ? 1   G   A N2    1 
ATOM   19  N N3    . G   A 1 1  ? 11.465  2.148   -5.652  1.00 28.40 ? 1   G   A N3    1 
ATOM   20  C C4    . G   A 1 1  ? 11.422  2.509   -4.360  1.00 28.58 ? 1   G   A C4    1 
ATOM   21  P P     . C   A 1 2  ? 7.091   6.742   -5.751  1.00 35.40 ? 2   C   A P     1 
ATOM   22  O OP1   . C   A 1 2  ? 6.551   7.954   -6.427  1.00 37.17 ? 2   C   A OP1   1 
ATOM   23  O OP2   . C   A 1 2  ? 6.502   6.287   -4.478  1.00 34.58 ? 2   C   A OP2   1 
ATOM   24  O "O5'" . C   A 1 2  ? 7.002   5.572   -6.824  1.00 33.54 ? 2   C   A "O5'" 1 
ATOM   25  C "C5'" . C   A 1 2  ? 7.364   5.786   -8.174  1.00 32.07 ? 2   C   A "C5'" 1 
ATOM   26  C "C4'" . C   A 1 2  ? 7.406   4.469   -8.906  1.00 30.69 ? 2   C   A "C4'" 1 
ATOM   27  O "O4'" . C   A 1 2  ? 8.461   3.620   -8.363  1.00 29.94 ? 2   C   A "O4'" 1 
ATOM   28  C "C3'" . C   A 1 2  ? 6.158   3.626   -8.758  1.00 30.66 ? 2   C   A "C3'" 1 
ATOM   29  O "O3'" . C   A 1 2  ? 5.176   4.071   -9.672  1.00 31.59 ? 2   C   A "O3'" 1 
ATOM   30  C "C2'" . C   A 1 2  ? 6.687   2.241   -9.115  1.00 28.79 ? 2   C   A "C2'" 1 
ATOM   31  O "O2'" . C   A 1 2  ? 6.938   2.082   -10.503 1.00 29.01 ? 2   C   A "O2'" 1 
ATOM   32  C "C1'" . C   A 1 2  ? 8.032   2.259   -8.400  1.00 27.55 ? 2   C   A "C1'" 1 
ATOM   33  N N1    . C   A 1 2  ? 7.973   1.757   -7.016  1.00 25.64 ? 2   C   A N1    1 
ATOM   34  C C2    . C   A 1 2  ? 7.968   0.377   -6.805  1.00 24.78 ? 2   C   A C2    1 
ATOM   35  O O2    . C   A 1 2  ? 7.920   -0.380  -7.786  1.00 23.25 ? 2   C   A O2    1 
ATOM   36  N N3    . C   A 1 2  ? 7.995   -0.098  -5.535  1.00 24.08 ? 2   C   A N3    1 
ATOM   37  C C4    . C   A 1 2  ? 8.000   0.741   -4.507  1.00 23.49 ? 2   C   A C4    1 
ATOM   38  N N4    . C   A 1 2  ? 8.041   0.221   -3.283  1.00 22.55 ? 2   C   A N4    1 
ATOM   39  C C5    . C   A 1 2  ? 7.959   2.157   -4.688  1.00 24.21 ? 2   C   A C5    1 
ATOM   40  C C6    . C   A 1 2  ? 7.946   2.614   -5.953  1.00 24.76 ? 2   C   A C6    1 
ATOM   41  P P     . C   A 1 3  ? 3.648   4.126   -9.233  1.00 33.04 ? 3   C   A P     1 
ATOM   42  O OP1   . C   A 1 3  ? 2.955   4.840   -10.353 1.00 33.90 ? 3   C   A OP1   1 
ATOM   43  O OP2   . C   A 1 3  ? 3.516   4.617   -7.844  1.00 32.17 ? 3   C   A OP2   1 
ATOM   44  O "O5'" . C   A 1 3  ? 3.167   2.613   -9.311  1.00 31.52 ? 3   C   A "O5'" 1 
ATOM   45  C "C5'" . C   A 1 3  ? 3.122   1.956   -10.556 1.00 29.58 ? 3   C   A "C5'" 1 
ATOM   46  C "C4'" . C   A 1 3  ? 3.132   0.456   -10.358 1.00 27.91 ? 3   C   A "C4'" 1 
ATOM   47  O "O4'" . C   A 1 3  ? 4.341   0.047   -9.668  1.00 26.77 ? 3   C   A "O4'" 1 
ATOM   48  C "C3'" . C   A 1 3  ? 2.016   -0.114  -9.509  1.00 28.23 ? 3   C   A "C3'" 1 
ATOM   49  O "O3'" . C   A 1 3  ? 0.830   -0.188  -10.291 1.00 30.13 ? 3   C   A "O3'" 1 
ATOM   50  C "C2'" . C   A 1 3  ? 2.602   -1.481  -9.159  1.00 26.35 ? 3   C   A "C2'" 1 
ATOM   51  O "O2'" . C   A 1 3  ? 2.576   -2.379  -10.262 1.00 23.86 ? 3   C   A "O2'" 1 
ATOM   52  C "C1'" . C   A 1 3  ? 4.058   -1.106  -8.870  1.00 25.79 ? 3   C   A "C1'" 1 
ATOM   53  N N1    . C   A 1 3  ? 4.279   -0.748  -7.454  1.00 24.80 ? 3   C   A N1    1 
ATOM   54  C C2    . C   A 1 3  ? 4.420   -1.784  -6.512  1.00 24.14 ? 3   C   A C2    1 
ATOM   55  O O2    . C   A 1 3  ? 4.331   -2.980  -6.904  1.00 23.22 ? 3   C   A O2    1 
ATOM   56  N N3    . C   A 1 3  ? 4.635   -1.467  -5.220  1.00 23.57 ? 3   C   A N3    1 
ATOM   57  C C4    . C   A 1 3  ? 4.688   -0.175  -4.842  1.00 23.98 ? 3   C   A C4    1 
ATOM   58  N N4    . C   A 1 3  ? 4.892   0.096   -3.562  1.00 23.48 ? 3   C   A N4    1 
ATOM   59  C C5    . C   A 1 3  ? 4.535   0.896   -5.782  1.00 24.07 ? 3   C   A C5    1 
ATOM   60  C C6    . C   A 1 3  ? 4.343   0.564   -7.062  1.00 24.08 ? 3   C   A C6    1 
ATOM   61  P P     . A   A 1 4  ? -0.609  -0.243  -9.584  1.00 32.73 ? 4   A   A P     1 
ATOM   62  O OP1   . A   A 1 4  ? -1.592  -0.254  -10.689 1.00 34.23 ? 4   A   A OP1   1 
ATOM   63  O OP2   . A   A 1 4  ? -0.740  0.765   -8.516  1.00 32.79 ? 4   A   A OP2   1 
ATOM   64  O "O5'" . A   A 1 4  ? -0.677  -1.639  -8.815  1.00 32.19 ? 4   A   A "O5'" 1 
ATOM   65  C "C5'" . A   A 1 4  ? -0.640  -2.885  -9.513  1.00 30.34 ? 4   A   A "C5'" 1 
ATOM   66  C "C4'" . A   A 1 4  ? -0.481  -4.029  -8.533  1.00 29.48 ? 4   A   A "C4'" 1 
ATOM   67  O "O4'" . A   A 1 4  ? 0.778   -3.886  -7.831  1.00 27.46 ? 4   A   A "O4'" 1 
ATOM   68  C "C3'" . A   A 1 4  ? -1.503  -4.132  -7.406  1.00 29.92 ? 4   A   A "C3'" 1 
ATOM   69  O "O3'" . A   A 1 4  ? -2.689  -4.772  -7.833  1.00 32.61 ? 4   A   A "O3'" 1 
ATOM   70  C "C2'" . A   A 1 4  ? -0.750  -4.982  -6.392  1.00 28.81 ? 4   A   A "C2'" 1 
ATOM   71  O "O2'" . A   A 1 4  ? -0.716  -6.359  -6.727  1.00 29.76 ? 4   A   A "O2'" 1 
ATOM   72  C "C1'" . A   A 1 4  ? 0.664   -4.411  -6.518  1.00 26.51 ? 4   A   A "C1'" 1 
ATOM   73  N N9    . A   A 1 4  ? 0.935   -3.319  -5.590  1.00 25.35 ? 4   A   A N9    1 
ATOM   74  C C8    . A   A 1 4  ? 0.894   -1.984  -5.877  1.00 24.29 ? 4   A   A C8    1 
ATOM   75  N N7    . A   A 1 4  ? 1.215   -1.215  -4.873  1.00 23.88 ? 4   A   A N7    1 
ATOM   76  C C5    . A   A 1 4  ? 1.499   -2.107  -3.851  1.00 24.49 ? 4   A   A C5    1 
ATOM   77  C C6    . A   A 1 4  ? 1.930   -1.917  -2.541  1.00 23.89 ? 4   A   A C6    1 
ATOM   78  N N6    . A   A 1 4  ? 2.184   -0.714  -2.025  1.00 23.21 ? 4   A   A N6    1 
ATOM   79  N N1    . A   A 1 4  ? 2.103   -3.010  -1.775  1.00 23.83 ? 4   A   A N1    1 
ATOM   80  C C2    . A   A 1 4  ? 1.849   -4.216  -2.308  1.00 24.11 ? 4   A   A C2    1 
ATOM   81  N N3    . A   A 1 4  ? 1.452   -4.521  -3.533  1.00 23.77 ? 4   A   A N3    1 
ATOM   82  C C4    . A   A 1 4  ? 1.299   -3.406  -4.267  1.00 24.53 ? 4   A   A C4    1 
ATOM   83  P P     . C   A 1 5  ? -4.089  -4.415  -7.136  1.00 35.53 ? 5   C   A P     1 
ATOM   84  O OP1   . C   A 1 5  ? -5.146  -4.982  -8.014  1.00 37.30 ? 5   C   A OP1   1 
ATOM   85  O OP2   . C   A 1 5  ? -4.105  -2.974  -6.819  1.00 36.57 ? 5   C   A OP2   1 
ATOM   86  O "O5'" . C   A 1 5  ? -4.068  -5.187  -5.741  1.00 34.43 ? 5   C   A "O5'" 1 
ATOM   87  C "C5'" . C   A 1 5  ? -3.952  -6.593  -5.698  1.00 33.62 ? 5   C   A "C5'" 1 
ATOM   88  C "C4'" . C   A 1 5  ? -3.684  -7.040  -4.292  1.00 33.30 ? 5   C   A "C4'" 1 
ATOM   89  O "O4'" . C   A 1 5  ? -2.368  -6.592  -3.884  1.00 32.25 ? 5   C   A "O4'" 1 
ATOM   90  C "C3'" . C   A 1 5  ? -4.596  -6.449  -3.234  1.00 33.29 ? 5   C   A "C3'" 1 
ATOM   91  O "O3'" . C   A 1 5  ? -5.845  -7.120  -3.200  1.00 35.25 ? 5   C   A "O3'" 1 
ATOM   92  C "C2'" . C   A 1 5  ? -3.764  -6.689  -1.995  1.00 32.42 ? 5   C   A "C2'" 1 
ATOM   93  O "O2'" . C   A 1 5  ? -3.708  -8.056  -1.640  1.00 32.98 ? 5   C   A "O2'" 1 
ATOM   94  C "C1'" . C   A 1 5  ? -2.382  -6.284  -2.505  1.00 31.25 ? 5   C   A "C1'" 1 
ATOM   95  N N1    . C   A 1 5  ? -2.111  -4.841  -2.347  1.00 29.62 ? 5   C   A N1    1 
ATOM   96  C C2    . C   A 1 5  ? -1.615  -4.408  -1.133  1.00 28.72 ? 5   C   A C2    1 
ATOM   97  O O2    . C   A 1 5  ? -1.449  -5.243  -0.231  1.00 29.29 ? 5   C   A O2    1 
ATOM   98  N N3    . C   A 1 5  ? -1.330  -3.104  -0.956  1.00 28.00 ? 5   C   A N3    1 
ATOM   99  C C4    . C   A 1 5  ? -1.530  -2.243  -1.938  1.00 27.58 ? 5   C   A C4    1 
ATOM   100 N N4    . C   A 1 5  ? -1.196  -0.970  -1.716  1.00 27.48 ? 5   C   A N4    1 
ATOM   101 C C5    . C   A 1 5  ? -2.067  -2.645  -3.192  1.00 27.81 ? 5   C   A C5    1 
ATOM   102 C C6    . C   A 1 5  ? -2.334  -3.950  -3.354  1.00 28.20 ? 5   C   A C6    1 
ATOM   103 P P     . C   A 1 6  ? -7.166  -6.334  -2.722  1.00 36.34 ? 6   C   A P     1 
ATOM   104 O OP1   . C   A 1 6  ? -8.254  -7.345  -2.858  1.00 37.64 ? 6   C   A OP1   1 
ATOM   105 O OP2   . C   A 1 6  ? -7.299  -5.029  -3.387  1.00 35.91 ? 6   C   A OP2   1 
ATOM   106 O "O5'" . C   A 1 6  ? -6.916  -6.076  -1.172  1.00 34.59 ? 6   C   A "O5'" 1 
ATOM   107 C "C5'" . C   A 1 6  ? -6.837  -7.174  -0.283  1.00 33.84 ? 6   C   A "C5'" 1 
ATOM   108 C "C4'" . C   A 1 6  ? -6.389  -6.721  1.078   1.00 33.26 ? 6   C   A "C4'" 1 
ATOM   109 O "O4'" . C   A 1 6  ? -5.091  -6.102  0.944   1.00 32.57 ? 6   C   A "O4'" 1 
ATOM   110 C "C3'" . C   A 1 6  ? -7.206  -5.642  1.761   1.00 33.36 ? 6   C   A "C3'" 1 
ATOM   111 O "O3'" . C   A 1 6  ? -8.365  -6.168  2.389   1.00 34.78 ? 6   C   A "O3'" 1 
ATOM   112 C "C2'" . C   A 1 6  ? -6.206  -5.144  2.792   1.00 32.29 ? 6   C   A "C2'" 1 
ATOM   113 O "O2'" . C   A 1 6  ? -6.038  -6.081  3.837   1.00 33.47 ? 6   C   A "O2'" 1 
ATOM   114 C "C1'" . C   A 1 6  ? -4.936  -5.105  1.943   1.00 31.49 ? 6   C   A "C1'" 1 
ATOM   115 N N1    . C   A 1 6  ? -4.757  -3.812  1.271   1.00 29.26 ? 6   C   A N1    1 
ATOM   116 C C2    . C   A 1 6  ? -4.238  -2.739  2.016   1.00 29.08 ? 6   C   A C2    1 
ATOM   117 O O2    . C   A 1 6  ? -3.961  -2.929  3.206   1.00 29.07 ? 6   C   A O2    1 
ATOM   118 N N3    . C   A 1 6  ? -4.060  -1.538  1.416   1.00 28.04 ? 6   C   A N3    1 
ATOM   119 C C4    . C   A 1 6  ? -4.375  -1.391  0.130   1.00 28.05 ? 6   C   A C4    1 
ATOM   120 N N4    . C   A 1 6  ? -4.166  -0.204  -0.440  1.00 28.92 ? 6   C   A N4    1 
ATOM   121 C C5    . C   A 1 6  ? -4.918  -2.471  -0.648  1.00 28.53 ? 6   C   A C5    1 
ATOM   122 C C6    . C   A 1 6  ? -5.087  -3.646  -0.042  1.00 28.47 ? 6   C   A C6    1 
ATOM   123 P P     . C   A 1 7  ? -9.684  -5.253  2.517   1.00 34.67 ? 7   C   A P     1 
ATOM   124 O OP1   . C   A 1 7  ? -10.769 -6.130  3.016   1.00 34.93 ? 7   C   A OP1   1 
ATOM   125 O OP2   . C   A 1 7  ? -9.890  -4.470  1.275   1.00 33.74 ? 7   C   A OP2   1 
ATOM   126 O "O5'" . C   A 1 7  ? -9.329  -4.232  3.679   1.00 33.62 ? 7   C   A "O5'" 1 
ATOM   127 C "C5'" . C   A 1 7  ? -9.053  -4.720  4.973   1.00 32.39 ? 7   C   A "C5'" 1 
ATOM   128 C "C4'" . C   A 1 7  ? -8.617  -3.594  5.868   1.00 32.43 ? 7   C   A "C4'" 1 
ATOM   129 O "O4'" . C   A 1 7  ? -7.373  -3.032  5.376   1.00 31.40 ? 7   C   A "O4'" 1 
ATOM   130 C "C3'" . C   A 1 7  ? -9.539  -2.396  5.901   1.00 32.59 ? 7   C   A "C3'" 1 
ATOM   131 O "O3'" . C   A 1 7  ? -10.648 -2.626  6.746   1.00 33.34 ? 7   C   A "O3'" 1 
ATOM   132 C "C2'" . C   A 1 7  ? -8.622  -1.329  6.459   1.00 30.81 ? 7   C   A "C2'" 1 
ATOM   133 O "O2'" . C   A 1 7  ? -8.407  -1.483  7.845   1.00 31.51 ? 7   C   A "O2'" 1 
ATOM   134 C "C1'" . C   A 1 7  ? -7.327  -1.652  5.708   1.00 30.43 ? 7   C   A "C1'" 1 
ATOM   135 N N1    . C   A 1 7  ? -7.210  -0.874  4.473   1.00 28.25 ? 7   C   A N1    1 
ATOM   136 C C2    . C   A 1 7  ? -6.806  0.449   4.567   1.00 27.81 ? 7   C   A C2    1 
ATOM   137 O O2    . C   A 1 7  ? -6.597  0.938   5.708   1.00 26.72 ? 7   C   A O2    1 
ATOM   138 N N3    . C   A 1 7  ? -6.646  1.169   3.430   1.00 26.97 ? 7   C   A N3    1 
ATOM   139 C C4    . C   A 1 7  ? -6.874  0.601   2.241   1.00 26.73 ? 7   C   A C4    1 
ATOM   140 N N4    . C   A 1 7  ? -6.657  1.330   1.150   1.00 25.90 ? 7   C   A N4    1 
ATOM   141 C C5    . C   A 1 7  ? -7.321  -0.746  2.125   1.00 26.90 ? 7   C   A C5    1 
ATOM   142 C C6    . C   A 1 7  ? -7.480  -1.435  3.254   1.00 28.38 ? 7   C   A C6    1 
ATOM   143 P P     . U   A 1 8  ? -12.059 -1.984  6.369   1.00 34.70 ? 8   U   A P     1 
ATOM   144 O OP1   . U   A 1 8  ? -13.061 -2.505  7.361   1.00 35.62 ? 8   U   A OP1   1 
ATOM   145 O OP2   . U   A 1 8  ? -12.310 -2.136  4.921   1.00 34.46 ? 8   U   A OP2   1 
ATOM   146 O "O5'" . U   A 1 8  ? -11.869 -0.431  6.655   1.00 32.95 ? 8   U   A "O5'" 1 
ATOM   147 C "C5'" . U   A 1 8  ? -11.492 0.014   7.950   1.00 32.04 ? 8   U   A "C5'" 1 
ATOM   148 C "C4'" . U   A 1 8  ? -11.126 1.471   7.917   1.00 32.28 ? 8   U   A "C4'" 1 
ATOM   149 O "O4'" . U   A 1 8  ? -9.928  1.662   7.123   1.00 31.32 ? 8   U   A "O4'" 1 
ATOM   150 C "C3'" . U   A 1 8  ? -12.112 2.412   7.254   1.00 32.35 ? 8   U   A "C3'" 1 
ATOM   151 O "O3'" . U   A 1 8  ? -13.211 2.700   8.108   1.00 34.03 ? 8   U   A "O3'" 1 
ATOM   152 C "C2'" . U   A 1 8  ? -11.238 3.635   7.034   1.00 31.88 ? 8   U   A "C2'" 1 
ATOM   153 O "O2'" . U   A 1 8  ? -11.011 4.342   8.235   1.00 31.73 ? 8   U   A "O2'" 1 
ATOM   154 C "C1'" . U   A 1 8  ? -9.929  2.979   6.591   1.00 31.32 ? 8   U   A "C1'" 1 
ATOM   155 N N1    . U   A 1 8  ? -9.863  2.860   5.134   1.00 30.13 ? 8   U   A N1    1 
ATOM   156 C C2    . U   A 1 8  ? -9.421  3.943   4.428   1.00 29.56 ? 8   U   A C2    1 
ATOM   157 O O2    . U   A 1 8  ? -9.114  5.010   4.959   1.00 30.22 ? 8   U   A O2    1 
ATOM   158 N N3    . U   A 1 8  ? -9.345  3.753   3.078   1.00 28.90 ? 8   U   A N3    1 
ATOM   159 C C4    . U   A 1 8  ? -9.676  2.618   2.378   1.00 28.56 ? 8   U   A C4    1 
ATOM   160 O O4    . U   A 1 8  ? -9.580  2.626   1.160   1.00 28.38 ? 8   U   A O4    1 
ATOM   161 C C5    . U   A 1 8  ? -10.155 1.532   3.178   1.00 29.20 ? 8   U   A C5    1 
ATOM   162 C C6    . U   A 1 8  ? -10.232 1.688   4.504   1.00 29.91 ? 8   U   A C6    1 
ATOM   163 P P     . G   A 1 9  ? -14.626 3.031   7.471   1.00 35.48 ? 9   G   A P     1 
ATOM   164 O OP1   . G   A 1 9  ? -15.610 3.105   8.581   1.00 36.23 ? 9   G   A OP1   1 
ATOM   165 O OP2   . G   A 1 9  ? -14.877 2.101   6.328   1.00 36.21 ? 9   G   A OP2   1 
ATOM   166 O "O5'" . G   A 1 9  ? -14.441 4.498   6.888   1.00 32.95 ? 9   G   A "O5'" 1 
ATOM   167 C "C5'" . G   A 1 9  ? -14.189 5.580   7.770   1.00 31.54 ? 9   G   A "C5'" 1 
ATOM   168 C "C4'" . G   A 1 9  ? -13.899 6.837   6.994   1.00 29.88 ? 9   G   A "C4'" 1 
ATOM   169 O "O4'" . G   A 1 9  ? -12.667 6.666   6.255   1.00 29.65 ? 9   G   A "O4'" 1 
ATOM   170 C "C3'" . G   A 1 9  ? -14.894 7.260   5.925   1.00 29.94 ? 9   G   A "C3'" 1 
ATOM   171 O "O3'" . G   A 1 9  ? -16.032 7.958   6.430   1.00 30.72 ? 9   G   A "O3'" 1 
ATOM   172 C "C2'" . G   A 1 9  ? -14.055 8.200   5.075   1.00 29.09 ? 9   G   A "C2'" 1 
ATOM   173 O "O2'" . G   A 1 9  ? -13.949 9.493   5.640   1.00 30.51 ? 9   G   A "O2'" 1 
ATOM   174 C "C1'" . G   A 1 9  ? -12.696 7.487   5.099   1.00 28.52 ? 9   G   A "C1'" 1 
ATOM   175 N N9    . G   A 1 9  ? -12.510 6.624   3.932   1.00 27.70 ? 9   G   A N9    1 
ATOM   176 C C8    . G   A 1 9  ? -12.724 5.267   3.855   1.00 27.66 ? 9   G   A C8    1 
ATOM   177 N N7    . G   A 1 9  ? -12.499 4.779   2.656   1.00 27.66 ? 9   G   A N7    1 
ATOM   178 C C5    . G   A 1 9  ? -12.105 5.884   1.903   1.00 27.08 ? 9   G   A C5    1 
ATOM   179 C C6    . G   A 1 9  ? -11.715 5.979   0.532   1.00 26.99 ? 9   G   A C6    1 
ATOM   180 O O6    . G   A 1 9  ? -11.625 5.067   -0.309  1.00 27.32 ? 9   G   A O6    1 
ATOM   181 N N1    . G   A 1 9  ? -11.406 7.285   0.177   1.00 25.88 ? 9   G   A N1    1 
ATOM   182 C C2    . G   A 1 9  ? -11.436 8.360   1.030   1.00 26.62 ? 9   G   A C2    1 
ATOM   183 N N2    . G   A 1 9  ? -11.095 9.540   0.504   1.00 26.35 ? 9   G   A N2    1 
ATOM   184 N N3    . G   A 1 9  ? -11.779 8.282   2.310   1.00 26.19 ? 9   G   A N3    1 
ATOM   185 C C4    . G   A 1 9  ? -12.103 7.028   2.674   1.00 26.94 ? 9   G   A C4    1 
ATOM   186 O "O5'" . C   B 2 1  ? -6.911  9.587   -7.324  1.00 38.18 ? 10  C   B "O5'" 1 
ATOM   187 C "C5'" . C   B 2 1  ? -7.324  10.948  -7.464  1.00 34.41 ? 10  C   B "C5'" 1 
ATOM   188 C "C4'" . C   B 2 1  ? -7.990  11.414  -6.190  1.00 34.90 ? 10  C   B "C4'" 1 
ATOM   189 O "O4'" . C   B 2 1  ? -9.241  10.700  -5.971  1.00 33.24 ? 10  C   B "O4'" 1 
ATOM   190 C "C3'" . C   B 2 1  ? -7.239  11.136  -4.895  1.00 34.06 ? 10  C   B "C3'" 1 
ATOM   191 O "O3'" . C   B 2 1  ? -6.165  12.061  -4.729  1.00 35.88 ? 10  C   B "O3'" 1 
ATOM   192 C "C2'" . C   B 2 1  ? -8.354  11.374  -3.885  1.00 32.72 ? 10  C   B "C2'" 1 
ATOM   193 O "O2'" . C   B 2 1  ? -8.683  12.744  -3.805  1.00 33.32 ? 10  C   B "O2'" 1 
ATOM   194 C "C1'" . C   B 2 1  ? -9.526  10.672  -4.573  1.00 31.82 ? 10  C   B "C1'" 1 
ATOM   195 N N1    . C   B 2 1  ? -9.696  9.277   -4.140  1.00 30.40 ? 10  C   B N1    1 
ATOM   196 C C2    . C   B 2 1  ? -10.222 9.034   -2.867  1.00 29.71 ? 10  C   B C2    1 
ATOM   197 O O2    . C   B 2 1  ? -10.479 10.002  -2.129  1.00 29.35 ? 10  C   B O2    1 
ATOM   198 N N3    . C   B 2 1  ? -10.420 7.764   -2.467  1.00 29.04 ? 10  C   B N3    1 
ATOM   199 C C4    . C   B 2 1  ? -10.100 6.754   -3.274  1.00 29.04 ? 10  C   B C4    1 
ATOM   200 N N4    . C   B 2 1  ? -10.324 5.508   -2.841  1.00 28.12 ? 10  C   B N4    1 
ATOM   201 C C5    . C   B 2 1  ? -9.538  6.974   -4.567  1.00 29.17 ? 10  C   B C5    1 
ATOM   202 C C6    . C   B 2 1  ? -9.355  8.239   -4.952  1.00 29.79 ? 10  C   B C6    1 
ATOM   203 P P     . A   B 2 2  ? -4.804  11.584  -4.029  1.00 38.04 ? 11  A   B P     1 
ATOM   204 O OP1   . A   B 2 2  ? -3.806  12.670  -4.228  1.00 37.87 ? 11  A   B OP1   1 
ATOM   205 O OP2   . A   B 2 2  ? -4.480  10.197  -4.432  1.00 36.68 ? 11  A   B OP2   1 
ATOM   206 O "O5'" . A   B 2 2  ? -5.219  11.562  -2.494  1.00 35.30 ? 11  A   B "O5'" 1 
ATOM   207 C "C5'" . A   B 2 2  ? -5.525  12.775  -1.826  1.00 33.64 ? 11  A   B "C5'" 1 
ATOM   208 C "C4'" . A   B 2 2  ? -5.982  12.493  -0.412  1.00 31.60 ? 11  A   B "C4'" 1 
ATOM   209 O "O4'" . A   B 2 2  ? -7.240  11.763  -0.445  1.00 30.20 ? 11  A   B "O4'" 1 
ATOM   210 C "C3'" . A   B 2 2  ? -5.071  11.592  0.401   1.00 30.78 ? 11  A   B "C3'" 1 
ATOM   211 O "O3'" . A   B 2 2  ? -3.971  12.322  0.932   1.00 30.99 ? 11  A   B "O3'" 1 
ATOM   212 C "C2'" . A   B 2 2  ? -6.026  11.096  1.480   1.00 29.71 ? 11  A   B "C2'" 1 
ATOM   213 O "O2'" . A   B 2 2  ? -6.300  12.084  2.447   1.00 29.00 ? 11  A   B "O2'" 1 
ATOM   214 C "C1'" . A   B 2 2  ? -7.297  10.869  0.658   1.00 29.66 ? 11  A   B "C1'" 1 
ATOM   215 N N9    . A   B 2 2  ? -7.384  9.507   0.150   1.00 28.32 ? 11  A   B N9    1 
ATOM   216 C C8    . A   B 2 2  ? -7.081  9.045   -1.102  1.00 28.32 ? 11  A   B C8    1 
ATOM   217 N N7    . A   B 2 2  ? -7.274  7.761   -1.252  1.00 28.39 ? 11  A   B N7    1 
ATOM   218 C C5    . A   B 2 2  ? -7.738  7.344   -0.012  1.00 27.65 ? 11  A   B C5    1 
ATOM   219 C C6    . A   B 2 2  ? -8.145  6.085   0.484   1.00 27.42 ? 11  A   B C6    1 
ATOM   220 N N6    . A   B 2 2  ? -8.153  4.952   -0.236  1.00 27.87 ? 11  A   B N6    1 
ATOM   221 N N1    . A   B 2 2  ? -8.555  6.027   1.772   1.00 26.83 ? 11  A   B N1    1 
ATOM   222 C C2    . A   B 2 2  ? -8.552  7.150   2.496   1.00 27.23 ? 11  A   B C2    1 
ATOM   223 N N3    . A   B 2 2  ? -8.202  8.386   2.141   1.00 27.13 ? 11  A   B N3    1 
ATOM   224 C C4    . A   B 2 2  ? -7.803  8.413   0.861   1.00 27.90 ? 11  A   B C4    1 
ATOM   225 P P     . G   B 2 3  ? -2.574  11.581  1.187   1.00 32.74 ? 12  G   B P     1 
ATOM   226 O OP1   . G   B 2 3  ? -1.565  12.655  1.421   1.00 34.58 ? 12  G   B OP1   1 
ATOM   227 O OP2   . G   B 2 3  ? -2.294  10.524  0.182   1.00 32.04 ? 12  G   B OP2   1 
ATOM   228 O "O5'" . G   B 2 3  ? -2.817  10.787  2.548   1.00 30.99 ? 12  G   B "O5'" 1 
ATOM   229 C "C5'" . G   B 2 3  ? -3.037  11.488  3.760   1.00 30.37 ? 12  G   B "C5'" 1 
ATOM   230 C "C4'" . G   B 2 3  ? -3.350  10.517  4.865   1.00 29.14 ? 12  G   B "C4'" 1 
ATOM   231 O "O4'" . G   B 2 3  ? -4.667  9.942   4.650   1.00 28.24 ? 12  G   B "O4'" 1 
ATOM   232 C "C3'" . G   B 2 3  ? -2.454  9.295   4.963   1.00 28.75 ? 12  G   B "C3'" 1 
ATOM   233 O "O3'" . G   B 2 3  ? -1.193  9.563   5.585   1.00 30.19 ? 12  G   B "O3'" 1 
ATOM   234 C "C2'" . G   B 2 3  ? -3.329  8.381   5.801   1.00 27.60 ? 12  G   B "C2'" 1 
ATOM   235 O "O2'" . G   B 2 3  ? -3.357  8.801   7.163   1.00 27.01 ? 12  G   B "O2'" 1 
ATOM   236 C "C1'" . G   B 2 3  ? -4.693  8.622   5.149   1.00 27.19 ? 12  G   B "C1'" 1 
ATOM   237 N N9    . G   B 2 3  ? -4.884  7.718   4.019   1.00 26.10 ? 12  G   B N9    1 
ATOM   238 C C8    . G   B 2 3  ? -4.664  7.976   2.687   1.00 25.61 ? 12  G   B C8    1 
ATOM   239 N N7    . G   B 2 3  ? -4.863  6.930   1.929   1.00 25.39 ? 12  G   B N7    1 
ATOM   240 C C5    . G   B 2 3  ? -5.255  5.933   2.811   1.00 24.51 ? 12  G   B C5    1 
ATOM   241 C C6    . G   B 2 3  ? -5.579  4.579   2.576   1.00 25.12 ? 12  G   B C6    1 
ATOM   242 O O6    . G   B 2 3  ? -5.584  3.960   1.491   1.00 24.39 ? 12  G   B O6    1 
ATOM   243 N N1    . G   B 2 3  ? -5.903  3.918   3.755   1.00 23.14 ? 12  G   B N1    1 
ATOM   244 C C2    . G   B 2 3  ? -5.906  4.491   5.012   1.00 25.12 ? 12  G   B C2    1 
ATOM   245 N N2    . G   B 2 3  ? -6.230  3.680   6.058   1.00 23.32 ? 12  G   B N2    1 
ATOM   246 N N3    . G   B 2 3  ? -5.607  5.755   5.235   1.00 23.89 ? 12  G   B N3    1 
ATOM   247 C C4    . G   B 2 3  ? -5.286  6.411   4.102   1.00 24.92 ? 12  G   B C4    1 
ATOM   248 P P     . G   B 2 4  ? 0.083   8.651   5.204   1.00 31.79 ? 13  G   B P     1 
ATOM   249 O OP1   . G   B 2 4  ? 1.274   9.189   5.912   1.00 33.13 ? 13  G   B OP1   1 
ATOM   250 O OP2   . G   B 2 4  ? 0.134   8.446   3.727   1.00 30.96 ? 13  G   B OP2   1 
ATOM   251 O "O5'" . G   B 2 4  ? -0.221  7.198   5.785   1.00 30.06 ? 13  G   B "O5'" 1 
ATOM   252 C "C5'" . G   B 2 4  ? -0.241  6.961   7.179   1.00 29.46 ? 13  G   B "C5'" 1 
ATOM   253 C "C4'" . G   B 2 4  ? -0.822  5.598   7.478   1.00 28.17 ? 13  G   B "C4'" 1 
ATOM   254 O "O4'" . G   B 2 4  ? -2.118  5.442   6.843   1.00 27.88 ? 13  G   B "O4'" 1 
ATOM   255 C "C3'" . G   B 2 4  ? -0.063  4.360   7.021   1.00 27.17 ? 13  G   B "C3'" 1 
ATOM   256 O "O3'" . G   B 2 4  ? 1.043   4.128   7.887   1.00 27.57 ? 13  G   B "O3'" 1 
ATOM   257 C "C2'" . G   B 2 4  ? -1.152  3.315   7.208   1.00 27.19 ? 13  G   B "C2'" 1 
ATOM   258 O "O2'" . G   B 2 4  ? -1.400  3.019   8.572   1.00 26.53 ? 13  G   B "O2'" 1 
ATOM   259 C "C1'" . G   B 2 4  ? -2.367  4.053   6.629   1.00 26.87 ? 13  G   B "C1'" 1 
ATOM   260 N N9    . G   B 2 4  ? -2.427  3.804   5.190   1.00 26.99 ? 13  G   B N9    1 
ATOM   261 C C8    . G   B 2 4  ? -2.134  4.672   4.175   1.00 25.89 ? 13  G   B C8    1 
ATOM   262 N N7    . G   B 2 4  ? -2.237  4.122   2.988   1.00 26.13 ? 13  G   B N7    1 
ATOM   263 C C5    . G   B 2 4  ? -2.638  2.820   3.241   1.00 25.76 ? 13  G   B C5    1 
ATOM   264 C C6    . G   B 2 4  ? -2.914  1.756   2.342   1.00 25.44 ? 13  G   B C6    1 
ATOM   265 O O6    . G   B 2 4  ? -2.856  1.763   1.115   1.00 26.51 ? 13  G   B O6    1 
ATOM   266 N N1    . G   B 2 4  ? -3.281  0.604   3.011   1.00 26.07 ? 13  G   B N1    1 
ATOM   267 C C2    . G   B 2 4  ? -3.366  0.478   4.375   1.00 26.27 ? 13  G   B C2    1 
ATOM   268 N N2    . G   B 2 4  ? -3.715  -0.748  4.844   1.00 26.49 ? 13  G   B N2    1 
ATOM   269 N N3    . G   B 2 4  ? -3.121  1.472   5.225   1.00 25.76 ? 13  G   B N3    1 
ATOM   270 C C4    . G   B 2 4  ? -2.767  2.602   4.590   1.00 25.78 ? 13  G   B C4    1 
ATOM   271 P P     . G   B 2 5  ? 2.282   3.203   7.421   1.00 28.04 ? 14  G   B P     1 
ATOM   272 O OP1   . G   B 2 5  ? 3.302   3.344   8.487   1.00 28.24 ? 14  G   B OP1   1 
ATOM   273 O OP2   . G   B 2 5  ? 2.630   3.515   6.031   1.00 27.78 ? 14  G   B OP2   1 
ATOM   274 O "O5'" . G   B 2 5  ? 1.702   1.719   7.460   1.00 26.64 ? 14  G   B "O5'" 1 
ATOM   275 C "C5'" . G   B 2 5  ? 1.515   1.050   8.696   1.00 26.48 ? 14  G   B "C5'" 1 
ATOM   276 C "C4'" . G   B 2 5  ? 1.058   -0.374  8.453   1.00 26.73 ? 14  G   B "C4'" 1 
ATOM   277 O "O4'" . G   B 2 5  ? -0.193  -0.370  7.724   1.00 27.34 ? 14  G   B "O4'" 1 
ATOM   278 C "C3'" . G   B 2 5  ? 1.976   -1.206  7.584   1.00 26.32 ? 14  G   B "C3'" 1 
ATOM   279 O "O3'" . G   B 2 5  ? 3.018   -1.737  8.366   1.00 25.18 ? 14  G   B "O3'" 1 
ATOM   280 C "C2'" . G   B 2 5  ? 1.044   -2.303  7.107   1.00 26.28 ? 14  G   B "C2'" 1 
ATOM   281 O "O2'" . G   B 2 5  ? 0.827   -3.251  8.146   1.00 28.24 ? 14  G   B "O2'" 1 
ATOM   282 C "C1'" . G   B 2 5  ? -0.215  -1.480  6.820   1.00 27.44 ? 14  G   B "C1'" 1 
ATOM   283 N N9    . G   B 2 5  ? -0.129  -0.927  5.477   1.00 26.19 ? 14  G   B N9    1 
ATOM   284 C C8    . G   B 2 5  ? 0.163   0.365   5.141   1.00 25.54 ? 14  G   B C8    1 
ATOM   285 N N7    . G   B 2 5  ? 0.155   0.575   3.855   1.00 25.02 ? 14  G   B N7    1 
ATOM   286 C C5    . G   B 2 5  ? -0.161  -0.663  3.306   1.00 24.97 ? 14  G   B C5    1 
ATOM   287 C C6    . G   B 2 5  ? -0.319  -1.062  1.942   1.00 25.65 ? 14  G   B C6    1 
ATOM   288 O O6    . G   B 2 5  ? -0.231  -0.367  0.912   1.00 24.40 ? 14  G   B O6    1 
ATOM   289 N N1    . G   B 2 5  ? -0.612  -2.422  1.837   1.00 23.81 ? 14  G   B N1    1 
ATOM   290 C C2    . G   B 2 5  ? -0.732  -3.283  2.899   1.00 25.97 ? 14  G   B C2    1 
ATOM   291 N N2    . G   B 2 5  ? -1.000  -4.564  2.595   1.00 26.21 ? 14  G   B N2    1 
ATOM   292 N N3    . G   B 2 5  ? -0.596  -2.922  4.173   1.00 25.92 ? 14  G   B N3    1 
ATOM   293 C C4    . G   B 2 5  ? -0.319  -1.605  4.295   1.00 25.92 ? 14  G   B C4    1 
ATOM   294 P P     . U   B 2 6  ? 4.447   -1.936  7.715   1.00 25.35 ? 15  U   B P     1 
ATOM   295 O OP1   . U   B 2 6  ? 5.350   -2.434  8.754   1.00 27.54 ? 15  U   B OP1   1 
ATOM   296 O OP2   . U   B 2 6  ? 4.791   -0.696  6.973   1.00 26.82 ? 15  U   B OP2   1 
ATOM   297 O "O5'" . U   B 2 6  ? 4.233   -3.102  6.648   1.00 24.63 ? 15  U   B "O5'" 1 
ATOM   298 C "C5'" . U   B 2 6  ? 3.799   -4.387  7.077   1.00 25.46 ? 15  U   B "C5'" 1 
ATOM   299 C "C4'" . U   B 2 6  ? 3.681   -5.321  5.896   1.00 24.23 ? 15  U   B "C4'" 1 
ATOM   300 O "O4'" . U   B 2 6  ? 2.538   -4.917  5.110   1.00 23.55 ? 15  U   B "O4'" 1 
ATOM   301 C "C3'" . U   B 2 6  ? 4.828   -5.273  4.901   1.00 24.30 ? 15  U   B "C3'" 1 
ATOM   302 O "O3'" . U   B 2 6  ? 5.923   -6.057  5.357   1.00 25.05 ? 15  U   B "O3'" 1 
ATOM   303 C "C2'" . U   B 2 6  ? 4.150   -5.885  3.681   1.00 23.86 ? 15  U   B "C2'" 1 
ATOM   304 O "O2'" . U   B 2 6  ? 3.930   -7.296  3.788   1.00 23.23 ? 15  U   B "O2'" 1 
ATOM   305 C "C1'" . U   B 2 6  ? 2.794   -5.183  3.735   1.00 24.23 ? 15  U   B "C1'" 1 
ATOM   306 N N1    . U   B 2 6  ? 2.847   -3.916  3.004   1.00 23.38 ? 15  U   B N1    1 
ATOM   307 C C2    . U   B 2 6  ? 2.658   -3.982  1.641   1.00 24.01 ? 15  U   B C2    1 
ATOM   308 O O2    . U   B 2 6  ? 2.421   -5.027  1.061   1.00 22.67 ? 15  U   B O2    1 
ATOM   309 N N3    . U   B 2 6  ? 2.768   -2.779  0.982   1.00 24.00 ? 15  U   B N3    1 
ATOM   310 C C4    . U   B 2 6  ? 3.035   -1.548  1.540   1.00 24.09 ? 15  U   B C4    1 
ATOM   311 O O4    . U   B 2 6  ? 3.067   -0.557  0.808   1.00 24.56 ? 15  U   B O4    1 
ATOM   312 C C5    . U   B 2 6  ? 3.212   -1.554  2.959   1.00 24.19 ? 15  U   B C5    1 
ATOM   313 C C6    . U   B 2 6  ? 3.109   -2.712  3.633   1.00 23.69 ? 15  U   B C6    1 
ATOM   314 P P     . C   B 2 7  ? 7.424   -5.617  5.002   1.00 24.91 ? 16  C   B P     1 
ATOM   315 O OP1   . C   B 2 7  ? 7.625   -4.211  5.441   1.00 24.84 ? 16  C   B OP1   1 
ATOM   316 O OP2   . C   B 2 7  ? 7.640   -5.980  3.563   1.00 24.89 ? 16  C   B OP2   1 
ATOM   317 O "O5'" . C   B 2 7  ? 8.332   -6.475  5.984   1.00 25.30 ? 16  C   B "O5'" 1 
ATOM   318 C "C5'" . C   B 2 7  ? 9.109   -7.587  5.533   1.00 25.79 ? 16  C   B "C5'" 1 
ATOM   319 C "C4'" . C   B 2 7  ? 8.854   -8.785  6.426   1.00 25.83 ? 16  C   B "C4'" 1 
ATOM   320 O "O4'" . C   B 2 7  ? 8.957   -8.401  7.825   1.00 25.96 ? 16  C   B "O4'" 1 
ATOM   321 C "C3'" . C   B 2 7  ? 7.460   -9.351  6.293   1.00 25.48 ? 16  C   B "C3'" 1 
ATOM   322 O "O3'" . C   B 2 7  ? 7.481   -10.288 5.217   1.00 24.15 ? 16  C   B "O3'" 1 
ATOM   323 C "C2'" . C   B 2 7  ? 7.269   -10.076 7.626   1.00 25.72 ? 16  C   B "C2'" 1 
ATOM   324 O "O2'" . C   B 2 7  ? 7.858   -11.359 7.556   1.00 25.74 ? 16  C   B "O2'" 1 
ATOM   325 C "C1'" . C   B 2 7  ? 8.048   -9.176  8.586   1.00 25.87 ? 16  C   B "C1'" 1 
ATOM   326 N N1    . C   B 2 7  ? 7.196   -8.277  9.391   1.00 26.24 ? 16  C   B N1    1 
ATOM   327 C C2    . C   B 2 7  ? 6.631   -8.794  10.560  1.00 26.56 ? 16  C   B C2    1 
ATOM   328 O O2    . C   B 2 7  ? 6.901   -9.967  10.869  1.00 25.85 ? 16  C   B O2    1 
ATOM   329 N N3    . C   B 2 7  ? 5.831   -8.008  11.321  1.00 25.78 ? 16  C   B N3    1 
ATOM   330 C C4    . C   B 2 7  ? 5.605   -6.740  10.961  1.00 27.00 ? 16  C   B C4    1 
ATOM   331 N N4    . C   B 2 7  ? 4.823   -5.981  11.763  1.00 26.12 ? 16  C   B N4    1 
ATOM   332 C C5    . C   B 2 7  ? 6.175   -6.183  9.779   1.00 26.61 ? 16  C   B C5    1 
ATOM   333 C C6    . C   B 2 7  ? 6.959   -6.982  9.028   1.00 26.28 ? 16  C   B C6    1 
ATOM   334 P P     . G   B 2 8  ? 6.196   -10.487 4.333   1.00 23.95 ? 17  G   B P     1 
ATOM   335 O OP1   . G   B 2 8  ? 4.905   -10.418 5.052   1.00 25.14 ? 17  G   B OP1   1 
ATOM   336 O OP2   . G   B 2 8  ? 6.489   -11.673 3.478   1.00 27.22 ? 17  G   B OP2   1 
ATOM   337 O "O5'" . G   B 2 8  ? 6.189   -9.169  3.404   1.00 26.25 ? 17  G   B "O5'" 1 
ATOM   338 C "C5'" . G   B 2 8  ? 7.074   -9.057  2.285   1.00 26.12 ? 17  G   B "C5'" 1 
ATOM   339 C "C4'" . G   B 2 8  ? 6.312   -9.285  0.994   1.00 24.76 ? 17  G   B "C4'" 1 
ATOM   340 O "O4'" . G   B 2 8  ? 5.279   -8.274  0.864   1.00 24.76 ? 17  G   B "O4'" 1 
ATOM   341 C "C3'" . G   B 2 8  ? 7.157   -9.105  -0.264  1.00 25.57 ? 17  G   B "C3'" 1 
ATOM   342 O "O3'" . G   B 2 8  ? 7.808   -10.326 -0.579  1.00 25.04 ? 17  G   B "O3'" 1 
ATOM   343 C "C2'" . G   B 2 8  ? 6.118   -8.742  -1.309  1.00 23.99 ? 17  G   B "C2'" 1 
ATOM   344 O "O2'" . G   B 2 8  ? 5.418   -9.876  -1.792  1.00 26.46 ? 17  G   B "O2'" 1 
ATOM   345 C "C1'" . G   B 2 8  ? 5.178   -7.849  -0.493  1.00 24.16 ? 17  G   B "C1'" 1 
ATOM   346 N N9    . G   B 2 8  ? 5.497   -6.415  -0.543  1.00 22.61 ? 17  G   B N9    1 
ATOM   347 C C8    . G   B 2 8  ? 5.989   -5.640  0.479   1.00 22.62 ? 17  G   B C8    1 
ATOM   348 N N7    . G   B 2 8  ? 6.094   -4.377  0.172   1.00 22.00 ? 17  G   B N7    1 
ATOM   349 C C5    . G   B 2 8  ? 5.665   -4.309  -1.148  1.00 22.60 ? 17  G   B C5    1 
ATOM   350 C C6    . G   B 2 8  ? 5.520   -3.189  -2.011  1.00 22.09 ? 17  G   B C6    1 
ATOM   351 O O6    . G   B 2 8  ? 5.677   -1.979  -1.750  1.00 22.31 ? 17  G   B O6    1 
ATOM   352 N N1    . G   B 2 8  ? 5.112   -3.575  -3.275  1.00 20.99 ? 17  G   B N1    1 
ATOM   353 C C2    . G   B 2 8  ? 4.818   -4.862  -3.653  1.00 21.61 ? 17  G   B C2    1 
ATOM   354 N N2    . G   B 2 8  ? 4.481   -5.011  -4.935  1.00 21.54 ? 17  G   B N2    1 
ATOM   355 N N3    . G   B 2 8  ? 4.868   -5.911  -2.837  1.00 20.35 ? 17  G   B N3    1 
ATOM   356 C C4    . G   B 2 8  ? 5.314   -5.568  -1.617  1.00 22.36 ? 17  G   B C4    1 
ATOM   357 P P     . G   B 2 9  ? 9.275   -10.288 -1.175  1.00 26.50 ? 18  G   B P     1 
ATOM   358 O OP1   . G   B 2 9  ? 9.722   -11.707 -1.104  1.00 27.27 ? 18  G   B OP1   1 
ATOM   359 O OP2   . G   B 2 9  ? 10.083  -9.226  -0.563  1.00 23.81 ? 18  G   B OP2   1 
ATOM   360 O "O5'" . G   B 2 9  ? 9.043   -9.882  -2.700  1.00 23.89 ? 18  G   B "O5'" 1 
ATOM   361 C "C5'" . G   B 2 9  ? 8.445   -10.795 -3.622  1.00 25.00 ? 18  G   B "C5'" 1 
ATOM   362 C "C4'" . G   B 2 9  ? 8.170   -10.105 -4.954  1.00 24.30 ? 18  G   B "C4'" 1 
ATOM   363 O "O4'" . G   B 2 9  ? 7.187   -9.060  -4.773  1.00 22.31 ? 18  G   B "O4'" 1 
ATOM   364 C "C3'" . G   B 2 9  ? 9.344   -9.396  -5.604  1.00 24.94 ? 18  G   B "C3'" 1 
ATOM   365 O "O3'" . G   B 2 9  ? 10.077  -10.332 -6.370  1.00 26.00 ? 18  G   B "O3'" 1 
ATOM   366 C "C2'" . G   B 2 9  ? 8.639   -8.389  -6.507  1.00 22.26 ? 18  G   B "C2'" 1 
ATOM   367 O "O2'" . G   B 2 9  ? 7.986   -9.018  -7.609  1.00 22.69 ? 18  G   B "O2'" 1 
ATOM   368 C "C1'" . G   B 2 9  ? 7.526   -7.937  -5.572  1.00 22.64 ? 18  G   B "C1'" 1 
ATOM   369 N N9    . G   B 2 9  ? 7.945   -6.833  -4.708  1.00 20.90 ? 18  G   B N9    1 
ATOM   370 C C8    . G   B 2 9  ? 8.340   -6.858  -3.391  1.00 21.43 ? 18  G   B C8    1 
ATOM   371 N N7    . G   B 2 9  ? 8.551   -5.657  -2.908  1.00 20.70 ? 18  G   B N7    1 
ATOM   372 C C5    . G   B 2 9  ? 8.299   -4.810  -3.976  1.00 20.39 ? 18  G   B C5    1 
ATOM   373 C C6    . G   B 2 9  ? 8.347   -3.377  -4.065  1.00 21.70 ? 18  G   B C6    1 
ATOM   374 O O6    . G   B 2 9  ? 8.613   -2.552  -3.174  1.00 21.10 ? 18  G   B O6    1 
ATOM   375 N N1    . G   B 2 9  ? 8.048   -2.933  -5.350  1.00 22.16 ? 18  G   B N1    1 
ATOM   376 C C2    . G   B 2 9  ? 7.750   -3.734  -6.409  1.00 21.99 ? 18  G   B C2    1 
ATOM   377 N N2    . G   B 2 9  ? 7.527   -3.097  -7.576  1.00 23.07 ? 18  G   B N2    1 
ATOM   378 N N3    . G   B 2 9  ? 7.681   -5.066  -6.341  1.00 21.12 ? 18  G   B N3    1 
ATOM   379 C C4    . G   B 2 9  ? 7.964   -5.523  -5.099  1.00 21.28 ? 18  G   B C4    1 
ATOM   380 P P     . C   B 2 10 ? 11.621  -10.112 -6.591  1.00 27.44 ? 19  C   B P     1 
ATOM   381 O OP1   . C   B 2 10 ? 12.069  -11.217 -7.487  1.00 28.17 ? 19  C   B OP1   1 
ATOM   382 O OP2   . C   B 2 10 ? 12.342  -9.871  -5.322  1.00 26.74 ? 19  C   B OP2   1 
ATOM   383 O "O5'" . C   B 2 10 ? 11.711  -8.734  -7.372  1.00 27.50 ? 19  C   B "O5'" 1 
ATOM   384 C "C5'" . C   B 2 10 ? 11.210  -8.610  -8.682  1.00 28.82 ? 19  C   B "C5'" 1 
ATOM   385 C "C4'" . C   B 2 10 ? 11.414  -7.191  -9.160  1.00 29.58 ? 19  C   B "C4'" 1 
ATOM   386 O "O4'" . C   B 2 10 ? 10.599  -6.269  -8.392  1.00 29.75 ? 19  C   B "O4'" 1 
ATOM   387 C "C3'" . C   B 2 10 ? 12.822  -6.658  -8.983  1.00 29.78 ? 19  C   B "C3'" 1 
ATOM   388 O "O3'" . C   B 2 10 ? 13.701  -7.192  -10.014 1.00 32.33 ? 19  C   B "O3'" 1 
ATOM   389 C "C2'" . C   B 2 10 ? 12.598  -5.152  -9.059  1.00 29.77 ? 19  C   B "C2'" 1 
ATOM   390 O "O2'" . C   B 2 10 ? 12.399  -4.766  -10.409 1.00 31.42 ? 19  C   B "O2'" 1 
ATOM   391 C "C1'" . C   B 2 10 ? 11.257  -5.009  -8.320  1.00 28.44 ? 19  C   B "C1'" 1 
ATOM   392 N N1    . C   B 2 10 ? 11.425  -4.640  -6.909  1.00 27.04 ? 19  C   B N1    1 
ATOM   393 C C2    . C   B 2 10 ? 11.395  -3.298  -6.577  1.00 26.22 ? 19  C   B C2    1 
ATOM   394 O O2    . C   B 2 10 ? 11.261  -2.474  -7.493  1.00 25.20 ? 19  C   B O2    1 
ATOM   395 N N3    . C   B 2 10 ? 11.512  -2.927  -5.271  1.00 25.55 ? 19  C   B N3    1 
ATOM   396 C C4    . C   B 2 10 ? 11.655  -3.858  -4.323  1.00 25.98 ? 19  C   B C4    1 
ATOM   397 N N4    . C   B 2 10 ? 11.727  -3.462  -3.030  1.00 25.03 ? 19  C   B N4    1 
ATOM   398 C C5    . C   B 2 10 ? 11.724  -5.244  -4.644  1.00 26.00 ? 19  C   B C5    1 
ATOM   399 C C6    . C   B 2 10 ? 11.604  -5.591  -5.937  1.00 26.97 ? 19  C   B C6    1 
HETATM 400 O O     . HOH C 3 .  ? -5.868  -3.073  -4.121  1.00 38.31 ? 103 HOH A O     1 
HETATM 401 O O     . HOH C 3 .  ? -1.786  1.053   -3.456  1.00 36.29 ? 107 HOH A O     1 
HETATM 402 O O     . HOH C 3 .  ? 1.214   -6.988  -4.398  1.00 30.45 ? 108 HOH A O     1 
HETATM 403 O O     . HOH C 3 .  ? 4.605   3.115   -3.064  1.00 38.84 ? 124 HOH A O     1 
HETATM 404 O O     . HOH C 3 .  ? -4.945  -0.187  -3.369  1.00 39.56 ? 126 HOH A O     1 
HETATM 405 O O     . HOH C 3 .  ? 4.057   4.532   -5.210  1.00 49.29 ? 127 HOH A O     1 
HETATM 406 O O     . HOH C 3 .  ? -15.941 11.232  6.576   1.00 48.84 ? 131 HOH A O     1 
HETATM 407 O O     . HOH C 3 .  ? 9.843   -1.056  -10.051 1.00 42.68 ? 132 HOH A O     1 
HETATM 408 O O     . HOH C 3 .  ? -13.244 2.407   1.712   1.00 43.52 ? 133 HOH A O     1 
HETATM 409 O O     . HOH C 3 .  ? 7.561   2.063   -0.971  1.00 49.04 ? 135 HOH A O     1 
HETATM 410 O O     . HOH C 3 .  ? -12.526 10.528  3.708   1.00 50.25 ? 140 HOH A O     1 
HETATM 411 O O     . HOH C 3 .  ? -7.505  -0.023  -1.374  1.00 41.59 ? 141 HOH A O     1 
HETATM 412 O O     . HOH C 3 .  ? -12.089 2.581   -0.444  1.00 50.95 ? 142 HOH A O     1 
HETATM 413 O O     . HOH C 3 .  ? 9.824   -0.130  -0.099  1.00 53.05 ? 145 HOH A O     1 
HETATM 414 O O     . HOH C 3 .  ? 0.909   1.422   -4.707  1.00 48.40 ? 151 HOH A O     1 
HETATM 415 O O     . HOH C 3 .  ? -10.205 0.758   -0.550  1.00 52.91 ? 153 HOH A O     1 
HETATM 416 O O     . HOH C 3 .  ? 1.761   -1.872  -12.676 1.00 50.86 ? 155 HOH A O     1 
HETATM 417 O O     . HOH C 3 .  ? -7.386  0.930   9.025   1.00 47.75 ? 156 HOH A O     1 
HETATM 418 O O     . HOH D 3 .  ? -8.442  10.443  3.947   1.00 29.03 ? 100 HOH B O     1 
HETATM 419 O O     . HOH D 3 .  ? 5.172   -9.549  13.361  1.00 22.00 ? 101 HOH B O     1 
HETATM 420 O O     . HOH D 3 .  ? 1.234   3.032   3.436   1.00 40.04 ? 102 HOH B O     1 
HETATM 421 O O     . HOH D 3 .  ? 4.139   -8.946  7.311   1.00 24.56 ? 104 HOH B O     1 
HETATM 422 O O     . HOH D 3 .  ? 14.348  -10.985 -9.178  1.00 34.04 ? 105 HOH B O     1 
HETATM 423 O O     . HOH D 3 .  ? 0.386   2.057   0.199   1.00 38.45 ? 106 HOH B O     1 
HETATM 424 O O     . HOH D 3 .  ? 4.054   1.173   4.973   1.00 38.44 ? 109 HOH B O     1 
HETATM 425 O O     . HOH D 3 .  ? 7.167   -3.131  2.165   1.00 44.67 ? 110 HOH B O     1 
HETATM 426 O O     . HOH D 3 .  ? 9.663   -5.908  -0.410  1.00 34.10 ? 111 HOH B O     1 
HETATM 427 O O     . HOH D 3 .  ? 8.953   -2.705  -0.556  1.00 27.07 ? 112 HOH B O     1 
HETATM 428 O O     . HOH D 3 .  ? 12.188  -8.394  -2.971  1.00 40.71 ? 113 HOH B O     1 
HETATM 429 O O     . HOH D 3 .  ? 7.670   -3.466  8.021   1.00 43.96 ? 114 HOH B O     1 
HETATM 430 O O     . HOH D 3 .  ? 6.408   -0.597  0.253   1.00 36.36 ? 115 HOH B O     1 
HETATM 431 O O     . HOH D 3 .  ? 9.456   -4.939  2.042   1.00 36.24 ? 116 HOH B O     1 
HETATM 432 O O     . HOH D 3 .  ? -6.890  7.236   -6.877  1.00 44.70 ? 117 HOH B O     1 
HETATM 433 O O     . HOH D 3 .  ? 4.674   -3.137  11.093  1.00 43.92 ? 118 HOH B O     1 
HETATM 434 O O     . HOH D 3 .  ? -1.465  5.342   0.677   1.00 32.16 ? 119 HOH B O     1 
HETATM 435 O O     . HOH D 3 .  ? 10.229  -3.412  5.051   1.00 48.84 ? 120 HOH B O     1 
HETATM 436 O O     . HOH D 3 .  ? -10.488 12.622  -1.742  1.00 42.00 ? 121 HOH B O     1 
HETATM 437 O O     . HOH D 3 .  ? 6.641   -1.482  4.710   1.00 42.14 ? 122 HOH B O     1 
HETATM 438 O O     . HOH D 3 .  ? -6.330  6.427   -3.427  1.00 34.92 ? 123 HOH B O     1 
HETATM 439 O O     . HOH D 3 .  ? 9.132   -1.733  1.725   1.00 43.36 ? 125 HOH B O     1 
HETATM 440 O O     . HOH D 3 .  ? -4.278  3.847   -0.678  1.00 56.20 ? 128 HOH B O     1 
HETATM 441 O O     . HOH D 3 .  ? 5.213   -13.848 2.698   1.00 43.37 ? 129 HOH B O     1 
HETATM 442 O O     . HOH D 3 .  ? -1.224  8.051   1.050   1.00 47.13 ? 130 HOH B O     1 
HETATM 443 O O     . HOH D 3 .  ? 3.304   1.838   1.194   1.00 44.37 ? 134 HOH B O     1 
HETATM 444 O O     . HOH D 3 .  ? -1.892  4.474   -1.654  1.00 47.94 ? 136 HOH B O     1 
HETATM 445 O O     . HOH D 3 .  ? -3.998  6.756   -0.681  1.00 36.18 ? 137 HOH B O     1 
HETATM 446 O O     . HOH D 3 .  ? -6.563  4.065   -2.537  1.00 61.14 ? 138 HOH B O     1 
HETATM 447 O O     . HOH D 3 .  ? 1.577   -7.654  1.088   1.00 39.95 ? 139 HOH B O     1 
HETATM 448 O O     . HOH D 3 .  ? 5.423   -12.490 -1.076  1.00 42.25 ? 143 HOH B O     1 
HETATM 449 O O     . HOH D 3 .  ? -3.422  5.001   -3.495  1.00 45.56 ? 144 HOH B O     1 
HETATM 450 O O     . HOH D 3 .  ? -3.188  5.474   9.730   1.00 44.96 ? 146 HOH B O     1 
HETATM 451 O O     . HOH D 3 .  ? 3.875   -6.319  14.723  1.00 46.00 ? 147 HOH B O     1 
HETATM 452 O O     . HOH D 3 .  ? -5.880  4.614   8.780   1.00 47.85 ? 148 HOH B O     1 
HETATM 453 O O     . HOH D 3 .  ? 15.147  -5.730  -11.980 1.00 52.38 ? 149 HOH B O     1 
HETATM 454 O O     . HOH D 3 .  ? 1.312   5.539   2.572   1.00 45.72 ? 150 HOH B O     1 
HETATM 455 O O     . HOH D 3 .  ? 12.294  -5.552  -0.906  1.00 48.08 ? 152 HOH B O     1 
HETATM 456 O O     . HOH D 3 .  ? -5.066  7.250   8.871   1.00 53.92 ? 154 HOH B O     1 
# 
